data_2I80
#
_entry.id   2I80
#
_cell.length_a   67.730
_cell.length_b   66.082
_cell.length_c   78.789
_cell.angle_alpha   90.00
_cell.angle_beta   96.57
_cell.angle_gamma   90.00
#
_symmetry.space_group_name_H-M   'P 1 21 1'
#
loop_
_entity.id
_entity.type
_entity.pdbx_description
1 polymer 'D-alanine-D-alanine ligase'
2 non-polymer 3-CHLORO-2,2-DIMETHYL-N-[4-(TRIFLUOROMETHYL)PHENYL]PROPANAMIDE
3 water water
#
_entity_poly.entity_id   1
_entity_poly.type   'polypeptide(L)'
_entity_poly.pdbx_seq_one_letter_code
;MTKENICIVFGGKSAEHEVSILTAQNVLNAIDKDKYHVDIIYITNDGDWRKQNNITAEIKSTDELHLENGEALEISQLLK
ESSSGQPYDAVFPLLHGPNGEDGTIQGLFEVLDVPYVGNGVLSAASSMDKLVMKQLFEHRGLPQLPYISFLRSEYEKYEH
NILKLVNDKLNYPVFVKPANLGSSVGISKCNNEAELKEGIKEAFQFDRKLVIEQGVNAREIEVAVLGNDYPEATWPGEVV
KDVAFYDYKSKYKDGKVQLQIPADLDEDVQLTLRNMALEAFKATDCSGLVRADFFVTEDNQIYINETNAMPGFTAFSMYP
KLWENMGLSYPELITKLIELAKERHQDKQKNKYKIDRSHH
;
_entity_poly.pdbx_strand_id   A,B
#
loop_
_chem_comp.id
_chem_comp.type
_chem_comp.name
_chem_comp.formula
G1L non-polymer 3-CHLORO-2,2-DIMETHYL-N-[4-(TRIFLUOROMETHYL)PHENYL]PROPANAMIDE 'C12 H13 Cl F3 N O'
#
# COMPACT_ATOMS: atom_id res chain seq x y z
N LYS A 3 -28.33 7.70 -17.98
CA LYS A 3 -27.07 8.24 -17.37
C LYS A 3 -26.34 7.25 -16.45
N GLU A 4 -25.01 7.28 -16.54
CA GLU A 4 -24.17 6.64 -15.52
C GLU A 4 -23.93 7.61 -14.42
N ASN A 5 -23.44 7.12 -13.28
CA ASN A 5 -23.40 7.88 -12.05
C ASN A 5 -21.97 8.02 -11.54
N ILE A 6 -21.53 9.25 -11.32
CA ILE A 6 -20.12 9.55 -10.99
C ILE A 6 -20.12 10.35 -9.72
N CYS A 7 -19.11 10.11 -8.89
CA CYS A 7 -18.87 10.98 -7.74
C CYS A 7 -17.45 11.52 -7.84
N ILE A 8 -17.25 12.79 -7.44
CA ILE A 8 -15.91 13.33 -7.27
C ILE A 8 -15.73 13.69 -5.80
N VAL A 9 -14.68 13.15 -5.21
CA VAL A 9 -14.31 13.45 -3.83
C VAL A 9 -13.10 14.28 -3.94
N PHE A 10 -13.07 15.36 -3.17
CA PHE A 10 -12.09 16.41 -3.35
C PHE A 10 -12.00 17.24 -2.07
N GLY A 11 -10.99 18.10 -1.98
CA GLY A 11 -10.71 18.90 -0.76
C GLY A 11 -9.59 18.23 0.02
N GLY A 12 -9.85 17.90 1.27
CA GLY A 12 -8.91 17.16 2.11
C GLY A 12 -7.98 18.03 2.97
N LYS A 13 -7.77 17.57 4.21
CA LYS A 13 -6.86 18.22 5.18
C LYS A 13 -5.56 18.71 4.54
N SER A 14 -4.88 17.82 3.83
CA SER A 14 -3.61 18.18 3.18
C SER A 14 -3.59 19.60 2.59
N ALA A 15 -2.38 20.17 2.58
CA ALA A 15 -2.03 21.44 1.94
C ALA A 15 -2.30 21.54 0.40
N GLU A 16 -2.71 20.44 -0.24
CA GLU A 16 -3.20 20.48 -1.62
C GLU A 16 -4.64 20.97 -1.73
N HIS A 17 -5.26 21.36 -0.63
CA HIS A 17 -6.69 21.62 -0.55
C HIS A 17 -7.26 22.39 -1.75
N GLU A 18 -6.60 23.48 -2.17
CA GLU A 18 -7.17 24.38 -3.20
C GLU A 18 -6.89 23.98 -4.63
N VAL A 19 -5.75 23.34 -4.88
CA VAL A 19 -5.57 22.65 -6.16
C VAL A 19 -6.67 21.62 -6.34
N SER A 20 -6.94 20.88 -5.26
CA SER A 20 -7.93 19.87 -5.32
C SER A 20 -9.31 20.47 -5.73
N ILE A 21 -9.68 21.63 -5.15
CA ILE A 21 -10.91 22.32 -5.46
C ILE A 21 -10.94 22.73 -6.95
N LEU A 22 -9.88 23.37 -7.43
CA LEU A 22 -9.79 23.75 -8.88
C LEU A 22 -9.95 22.57 -9.80
N THR A 23 -9.39 21.46 -9.38
CA THR A 23 -9.33 20.27 -10.19
C THR A 23 -10.70 19.62 -10.27
N ALA A 24 -11.42 19.63 -9.15
CA ALA A 24 -12.81 19.14 -9.17
C ALA A 24 -13.60 19.93 -10.18
N GLN A 25 -13.40 21.24 -10.14
CA GLN A 25 -14.11 22.19 -11.00
C GLN A 25 -13.87 21.87 -12.46
N ASN A 26 -12.60 21.74 -12.82
CA ASN A 26 -12.20 21.33 -14.18
C ASN A 26 -12.85 20.00 -14.58
N VAL A 27 -12.70 19.00 -13.71
CA VAL A 27 -13.21 17.67 -14.04
C VAL A 27 -14.76 17.74 -14.23
N LEU A 28 -15.44 18.43 -13.31
CA LEU A 28 -16.88 18.62 -13.39
C LEU A 28 -17.26 19.22 -14.71
N ASN A 29 -16.62 20.32 -15.07
CA ASN A 29 -16.98 21.03 -16.30
C ASN A 29 -16.60 20.28 -17.55
N ALA A 30 -15.92 19.17 -17.40
CA ALA A 30 -15.53 18.36 -18.53
C ALA A 30 -16.39 17.12 -18.59
N ILE A 31 -17.33 16.97 -17.68
CA ILE A 31 -18.25 15.84 -17.70
C ILE A 31 -19.60 16.20 -18.32
N ASP A 32 -19.98 15.49 -19.37
CA ASP A 32 -21.23 15.74 -20.07
C ASP A 32 -22.37 15.25 -19.22
N LYS A 33 -23.23 16.19 -18.83
CA LYS A 33 -24.24 15.95 -17.87
C LYS A 33 -25.45 15.28 -18.44
N ASP A 34 -25.53 15.18 -19.75
CA ASP A 34 -26.60 14.43 -20.39
C ASP A 34 -26.24 12.95 -20.37
N LYS A 35 -24.94 12.66 -20.24
CA LYS A 35 -24.42 11.30 -20.20
C LYS A 35 -24.12 10.82 -18.77
N TYR A 36 -23.95 11.76 -17.85
CA TYR A 36 -23.52 11.39 -16.52
C TYR A 36 -24.23 12.14 -15.48
N HIS A 37 -24.70 11.43 -14.47
CA HIS A 37 -25.27 12.05 -13.27
C HIS A 37 -24.11 12.12 -12.31
N VAL A 38 -23.98 13.23 -11.57
CA VAL A 38 -22.75 13.58 -10.88
C VAL A 38 -22.99 14.26 -9.57
N ASP A 39 -22.49 13.60 -8.50
CA ASP A 39 -22.49 14.14 -7.15
C ASP A 39 -21.05 14.47 -6.82
N ILE A 40 -20.82 15.31 -5.84
CA ILE A 40 -19.48 15.58 -5.34
C ILE A 40 -19.45 15.51 -3.84
N ILE A 41 -18.29 15.20 -3.30
CA ILE A 41 -18.05 15.12 -1.88
C ILE A 41 -16.78 15.91 -1.56
N TYR A 42 -16.98 16.92 -0.74
CA TYR A 42 -15.95 17.75 -0.32
C TYR A 42 -15.52 17.31 1.05
N ILE A 43 -14.22 17.07 1.20
CA ILE A 43 -13.66 16.80 2.52
C ILE A 43 -13.13 18.12 3.07
N THR A 44 -13.55 18.44 4.28
CA THR A 44 -13.20 19.70 4.87
C THR A 44 -11.79 19.55 5.45
N ASN A 45 -11.15 20.69 5.66
CA ASN A 45 -9.86 20.78 6.31
C ASN A 45 -9.90 20.07 7.66
N ASP A 46 -11.04 20.06 8.32
CA ASP A 46 -11.16 19.35 9.60
C ASP A 46 -11.55 17.88 9.44
N GLY A 47 -11.58 17.38 8.20
CA GLY A 47 -11.96 15.99 7.92
C GLY A 47 -13.41 15.59 7.67
N ASP A 48 -14.34 16.54 7.64
CA ASP A 48 -15.77 16.20 7.50
C ASP A 48 -16.11 16.04 6.02
N TRP A 49 -16.88 15.02 5.69
CA TRP A 49 -17.40 14.79 4.35
C TRP A 49 -18.69 15.59 4.18
N ARG A 50 -18.81 16.33 3.09
CA ARG A 50 -20.00 17.11 2.75
C ARG A 50 -20.42 16.85 1.29
N LYS A 51 -21.54 16.19 1.10
CA LYS A 51 -22.04 15.85 -0.23
C LYS A 51 -22.91 16.95 -0.82
N GLN A 52 -22.67 17.23 -2.10
CA GLN A 52 -23.49 18.06 -2.92
C GLN A 52 -23.93 17.19 -4.10
N ASN A 53 -25.24 17.01 -4.19
CA ASN A 53 -25.85 16.10 -5.16
C ASN A 53 -26.09 16.72 -6.51
N ASN A 54 -25.91 15.91 -7.56
CA ASN A 54 -26.59 16.16 -8.87
C ASN A 54 -26.12 17.48 -9.47
N ILE A 55 -24.82 17.56 -9.78
CA ILE A 55 -24.27 18.74 -10.43
C ILE A 55 -24.66 18.65 -11.89
N THR A 56 -25.28 19.72 -12.33
CA THR A 56 -26.14 19.73 -13.49
C THR A 56 -25.75 20.86 -14.46
N ALA A 57 -24.97 21.83 -13.96
CA ALA A 57 -24.56 22.98 -14.76
C ALA A 57 -23.02 23.18 -14.66
N GLU A 58 -22.52 24.12 -15.44
CA GLU A 58 -21.11 24.45 -15.44
C GLU A 58 -20.80 25.16 -14.14
N ILE A 59 -19.67 24.83 -13.54
CA ILE A 59 -19.23 25.54 -12.35
C ILE A 59 -18.35 26.64 -12.90
N LYS A 60 -18.87 27.86 -12.93
CA LYS A 60 -18.09 28.98 -13.48
C LYS A 60 -17.08 29.51 -12.46
N SER A 61 -17.41 29.30 -11.19
CA SER A 61 -16.64 29.91 -10.11
C SER A 61 -16.75 28.94 -8.94
N THR A 62 -15.63 28.69 -8.28
CA THR A 62 -15.60 27.84 -7.08
C THR A 62 -16.75 28.10 -6.08
N ASP A 63 -17.27 29.32 -6.04
CA ASP A 63 -18.31 29.72 -5.08
C ASP A 63 -19.67 29.04 -5.29
N GLU A 64 -19.85 28.34 -6.40
CA GLU A 64 -21.11 27.68 -6.67
C GLU A 64 -21.10 26.26 -6.11
N LEU A 65 -19.91 25.88 -5.63
CA LEU A 65 -19.70 24.65 -4.87
C LEU A 65 -20.02 24.96 -3.39
N HIS A 66 -20.93 24.18 -2.81
CA HIS A 66 -21.30 24.28 -1.39
C HIS A 66 -20.14 24.05 -0.40
N LEU A 67 -19.22 23.15 -0.79
CA LEU A 67 -18.08 22.78 0.01
C LEU A 67 -18.50 22.34 1.43
N GLU A 68 -18.13 23.12 2.45
CA GLU A 68 -18.41 22.81 3.87
C GLU A 68 -19.91 22.73 4.18
N ASN A 69 -20.72 23.31 3.28
CA ASN A 69 -22.15 23.46 3.46
C ASN A 69 -22.98 22.48 2.64
N GLY A 70 -22.37 21.39 2.19
CA GLY A 70 -23.10 20.26 1.63
C GLY A 70 -23.65 19.42 2.77
N GLU A 71 -24.36 18.34 2.42
CA GLU A 71 -25.02 17.45 3.41
C GLU A 71 -23.94 16.77 4.24
N ALA A 72 -24.15 16.70 5.56
CA ALA A 72 -23.26 15.94 6.44
C ALA A 72 -23.31 14.48 6.02
N LEU A 73 -22.15 13.89 5.91
CA LEU A 73 -22.06 12.59 5.33
C LEU A 73 -21.23 11.76 6.25
N GLU A 74 -21.85 10.74 6.84
CA GLU A 74 -21.08 9.72 7.55
C GLU A 74 -20.51 8.81 6.48
N ILE A 75 -19.41 8.14 6.82
CA ILE A 75 -18.86 7.00 6.07
C ILE A 75 -19.63 5.69 6.30
N SER A 76 -20.19 5.14 5.22
CA SER A 76 -21.06 3.94 5.26
C SER A 76 -21.17 3.25 3.89
N GLN A 77 -21.97 2.19 3.81
CA GLN A 77 -22.28 1.49 2.53
C GLN A 77 -22.89 2.47 1.50
N LEU A 78 -23.60 3.48 2.00
CA LEU A 78 -24.24 4.50 1.15
C LEU A 78 -23.26 5.25 0.24
N LEU A 79 -21.99 5.31 0.60
CA LEU A 79 -21.02 5.95 -0.28
C LEU A 79 -21.03 5.36 -1.68
N LYS A 80 -21.45 4.12 -1.80
CA LYS A 80 -21.71 3.46 -3.08
C LYS A 80 -22.81 4.12 -3.93
N GLU A 81 -23.72 4.86 -3.28
CA GLU A 81 -24.97 5.20 -3.86
C GLU A 81 -25.08 6.63 -4.31
N SER A 82 -25.53 6.79 -5.56
CA SER A 82 -25.76 8.13 -6.08
C SER A 82 -27.07 8.73 -5.59
N SER A 83 -27.16 10.05 -5.68
CA SER A 83 -28.41 10.75 -5.45
C SER A 83 -29.50 10.41 -6.50
N SER A 84 -29.17 9.66 -7.54
CA SER A 84 -30.20 9.18 -8.44
C SER A 84 -30.94 7.95 -7.82
N GLY A 85 -30.25 7.29 -6.89
CA GLY A 85 -30.70 6.03 -6.38
C GLY A 85 -30.03 4.85 -7.03
N GLN A 86 -29.08 5.13 -7.92
CA GLN A 86 -28.29 4.08 -8.54
C GLN A 86 -26.97 4.06 -7.81
N PRO A 87 -26.24 2.92 -7.92
CA PRO A 87 -24.90 2.92 -7.42
C PRO A 87 -23.98 3.73 -8.35
N TYR A 88 -22.97 4.39 -7.79
CA TYR A 88 -21.92 5.01 -8.60
C TYR A 88 -21.25 3.96 -9.52
N ASP A 89 -21.01 4.37 -10.76
CA ASP A 89 -20.21 3.61 -11.69
C ASP A 89 -18.73 3.88 -11.42
N ALA A 90 -18.39 5.09 -10.99
CA ALA A 90 -17.00 5.46 -10.77
C ALA A 90 -16.90 6.64 -9.85
N VAL A 91 -15.95 6.61 -8.94
CA VAL A 91 -15.67 7.70 -8.04
C VAL A 91 -14.23 8.14 -8.26
N PHE A 92 -14.06 9.46 -8.51
CA PHE A 92 -12.76 10.13 -8.64
C PHE A 92 -12.25 10.56 -7.32
N PRO A 93 -11.12 9.99 -6.87
CA PRO A 93 -10.55 10.57 -5.66
C PRO A 93 -9.53 11.65 -6.01
N LEU A 94 -10.01 12.87 -6.09
CA LEU A 94 -9.14 13.98 -6.49
C LEU A 94 -8.47 14.59 -5.29
N LEU A 95 -7.70 13.79 -4.57
CA LEU A 95 -7.01 14.27 -3.36
C LEU A 95 -6.02 13.26 -2.86
N HIS A 96 -5.06 13.72 -2.07
CA HIS A 96 -4.16 12.82 -1.38
C HIS A 96 -4.80 12.33 -0.06
N GLY A 97 -4.20 11.33 0.58
CA GLY A 97 -4.65 10.91 1.90
C GLY A 97 -4.92 12.08 2.84
N PRO A 98 -6.21 12.34 3.17
CA PRO A 98 -6.49 13.51 4.07
C PRO A 98 -5.59 13.52 5.34
N ASN A 99 -5.35 12.36 5.92
CA ASN A 99 -4.21 12.20 6.84
C ASN A 99 -3.54 10.80 6.80
N GLY A 100 -2.27 10.79 6.41
CA GLY A 100 -1.45 9.55 6.31
C GLY A 100 -0.69 9.59 5.01
N GLU A 101 -0.67 8.46 4.31
CA GLU A 101 -0.05 8.39 3.00
C GLU A 101 -1.17 8.51 2.02
N ASP A 102 -0.85 8.31 0.72
CA ASP A 102 -1.88 8.04 -0.27
C ASP A 102 -2.21 6.55 -0.14
N GLY A 103 -3.27 6.14 -0.77
CA GLY A 103 -3.67 4.77 -0.67
C GLY A 103 -4.74 4.60 0.37
N THR A 104 -5.00 5.62 1.18
CA THR A 104 -5.91 5.48 2.30
C THR A 104 -7.38 5.54 1.84
N ILE A 105 -7.77 6.49 0.98
CA ILE A 105 -9.16 6.60 0.58
C ILE A 105 -9.44 5.44 -0.36
N GLN A 106 -8.41 4.99 -1.08
CA GLN A 106 -8.55 3.79 -1.88
C GLN A 106 -8.92 2.59 -1.01
N GLY A 107 -8.24 2.43 0.12
CA GLY A 107 -8.60 1.36 1.04
C GLY A 107 -10.03 1.43 1.51
N LEU A 108 -10.44 2.64 1.87
CA LEU A 108 -11.81 2.91 2.26
C LEU A 108 -12.82 2.48 1.20
N PHE A 109 -12.54 2.87 -0.03
CA PHE A 109 -13.37 2.46 -1.17
C PHE A 109 -13.36 0.98 -1.37
N GLU A 110 -12.19 0.38 -1.23
CA GLU A 110 -12.09 -1.08 -1.28
C GLU A 110 -12.95 -1.70 -0.19
N VAL A 111 -12.90 -1.17 1.04
CA VAL A 111 -13.67 -1.78 2.09
C VAL A 111 -15.16 -1.66 1.76
N LEU A 112 -15.55 -0.53 1.20
CA LEU A 112 -16.95 -0.27 0.97
C LEU A 112 -17.39 -0.71 -0.43
N ASP A 113 -16.51 -1.37 -1.16
CA ASP A 113 -16.83 -1.81 -2.54
C ASP A 113 -17.32 -0.68 -3.43
N VAL A 114 -16.70 0.49 -3.29
CA VAL A 114 -16.93 1.65 -4.15
C VAL A 114 -16.01 1.62 -5.39
N PRO A 115 -16.56 1.70 -6.61
CA PRO A 115 -15.71 1.67 -7.82
C PRO A 115 -15.02 3.01 -7.97
N TYR A 116 -13.71 2.99 -8.05
CA TYR A 116 -12.94 4.21 -8.04
C TYR A 116 -11.94 4.26 -9.21
N VAL A 117 -11.67 5.49 -9.59
CA VAL A 117 -10.78 5.81 -10.64
C VAL A 117 -9.34 5.78 -10.12
N GLY A 118 -8.45 5.27 -10.95
CA GLY A 118 -7.06 5.50 -10.77
C GLY A 118 -6.43 4.35 -10.04
N ASN A 119 -5.31 4.67 -9.41
CA ASN A 119 -4.54 3.68 -8.70
C ASN A 119 -5.18 3.10 -7.44
N GLY A 120 -4.96 1.80 -7.25
CA GLY A 120 -5.33 1.06 -6.08
C GLY A 120 -4.39 1.34 -4.91
N VAL A 121 -4.63 0.59 -3.81
CA VAL A 121 -4.00 0.85 -2.54
C VAL A 121 -2.52 0.79 -2.64
N LEU A 122 -2.06 -0.34 -3.15
CA LEU A 122 -0.67 -0.65 -3.18
C LEU A 122 0.06 0.28 -4.14
N SER A 123 -0.53 0.64 -5.26
CA SER A 123 0.19 1.53 -6.18
C SER A 123 0.14 2.98 -5.72
N ALA A 124 -1.00 3.45 -5.22
CA ALA A 124 -1.02 4.82 -4.67
C ALA A 124 -0.01 4.93 -3.48
N ALA A 125 -0.12 4.03 -2.51
CA ALA A 125 0.86 4.01 -1.39
C ALA A 125 2.29 3.87 -1.90
N SER A 126 2.59 2.97 -2.82
CA SER A 126 4.03 2.73 -3.05
C SER A 126 4.67 3.90 -3.82
N SER A 127 3.86 4.66 -4.55
CA SER A 127 4.38 5.83 -5.24
C SER A 127 4.43 7.11 -4.38
N MET A 128 3.98 7.04 -3.15
CA MET A 128 4.17 8.12 -2.20
C MET A 128 5.36 7.80 -1.30
N ASP A 129 5.98 6.65 -1.53
CA ASP A 129 7.15 6.22 -0.80
C ASP A 129 8.34 6.06 -1.76
N LYS A 130 9.24 7.04 -1.73
CA LYS A 130 10.25 7.17 -2.79
C LYS A 130 11.15 5.98 -2.73
N LEU A 131 11.46 5.53 -1.51
CA LEU A 131 12.26 4.34 -1.34
C LEU A 131 11.61 3.12 -1.92
N VAL A 132 10.36 2.85 -1.59
CA VAL A 132 9.74 1.70 -2.17
C VAL A 132 9.62 1.87 -3.68
N MET A 133 9.25 3.06 -4.14
CA MET A 133 9.17 3.30 -5.56
C MET A 133 10.51 3.04 -6.26
N LYS A 134 11.59 3.57 -5.71
CA LYS A 134 12.93 3.30 -6.29
C LYS A 134 13.36 1.86 -6.33
N GLN A 135 13.10 1.10 -5.29
CA GLN A 135 13.36 -0.34 -5.32
C GLN A 135 12.59 -1.09 -6.36
N LEU A 136 11.36 -0.65 -6.61
CA LEU A 136 10.55 -1.29 -7.64
C LEU A 136 11.09 -0.90 -9.00
N PHE A 137 11.61 0.32 -9.15
CA PHE A 137 12.09 0.73 -10.46
C PHE A 137 13.33 -0.09 -10.83
N GLU A 138 14.23 -0.21 -9.86
CA GLU A 138 15.49 -0.91 -9.95
C GLU A 138 15.29 -2.35 -10.36
N HIS A 139 14.32 -3.01 -9.75
CA HIS A 139 14.03 -4.41 -10.09
C HIS A 139 13.54 -4.56 -11.54
N ARG A 140 12.88 -3.54 -12.04
CA ARG A 140 12.34 -3.58 -13.36
C ARG A 140 13.46 -3.27 -14.41
N GLY A 141 14.62 -2.87 -13.89
CA GLY A 141 15.72 -2.53 -14.76
C GLY A 141 15.61 -1.13 -15.29
N LEU A 142 14.87 -0.24 -14.63
CA LEU A 142 14.77 1.14 -15.07
C LEU A 142 15.99 1.88 -14.58
N PRO A 143 16.57 2.77 -15.42
CA PRO A 143 17.76 3.51 -14.95
C PRO A 143 17.38 4.62 -13.94
N GLN A 144 18.13 4.69 -12.87
CA GLN A 144 17.99 5.72 -11.88
C GLN A 144 19.36 6.28 -11.45
N LEU A 145 19.35 7.53 -11.01
CA LEU A 145 20.51 8.16 -10.43
C LEU A 145 20.88 7.38 -9.18
N PRO A 146 22.18 7.36 -8.83
CA PRO A 146 22.63 6.67 -7.62
C PRO A 146 21.98 7.28 -6.38
N TYR A 147 21.61 6.42 -5.44
CA TYR A 147 20.97 6.88 -4.23
C TYR A 147 21.28 5.95 -3.08
N ILE A 148 21.10 6.45 -1.87
CA ILE A 148 21.28 5.69 -0.64
C ILE A 148 20.01 5.97 0.18
N SER A 149 19.62 5.07 1.06
CA SER A 149 18.51 5.37 1.95
C SER A 149 18.70 4.69 3.30
N PHE A 150 18.01 5.21 4.30
CA PHE A 150 18.09 4.65 5.65
C PHE A 150 16.95 5.16 6.52
N LEU A 151 16.71 4.38 7.56
CA LEU A 151 15.84 4.79 8.65
C LEU A 151 16.63 5.59 9.68
N ARG A 152 15.89 6.46 10.35
CA ARG A 152 16.38 7.22 11.47
C ARG A 152 17.13 6.34 12.46
N SER A 153 16.53 5.21 12.83
CA SER A 153 17.12 4.31 13.82
C SER A 153 18.49 3.85 13.35
N GLU A 154 18.65 3.67 12.05
CA GLU A 154 19.91 3.23 11.46
C GLU A 154 20.94 4.35 11.44
N TYR A 155 20.53 5.58 11.18
CA TYR A 155 21.46 6.70 11.17
C TYR A 155 21.97 7.00 12.58
N GLU A 156 21.05 6.89 13.54
CA GLU A 156 21.36 6.98 14.94
C GLU A 156 22.47 6.03 15.32
N LYS A 157 22.42 4.79 14.83
CA LYS A 157 23.40 3.77 15.19
C LYS A 157 24.69 3.82 14.31
N TYR A 158 24.54 4.17 13.03
CA TYR A 158 25.59 4.00 12.03
C TYR A 158 25.86 5.27 11.19
N GLU A 159 25.87 6.42 11.85
CA GLU A 159 26.04 7.70 11.15
C GLU A 159 27.29 7.73 10.29
N HIS A 160 28.44 7.32 10.87
CA HIS A 160 29.74 7.51 10.22
C HIS A 160 29.78 6.69 8.95
N ASN A 161 29.29 5.45 9.04
CA ASN A 161 29.29 4.51 7.91
C ASN A 161 28.39 4.95 6.77
N ILE A 162 27.24 5.49 7.14
CA ILE A 162 26.30 6.07 6.22
C ILE A 162 26.90 7.24 5.46
N LEU A 163 27.56 8.13 6.20
CA LEU A 163 28.22 9.30 5.59
C LEU A 163 29.32 8.86 4.62
N LYS A 164 30.15 7.93 5.06
CA LYS A 164 31.12 7.29 4.19
C LYS A 164 30.46 6.70 2.95
N LEU A 165 29.33 6.05 3.11
CA LEU A 165 28.66 5.45 1.96
C LEU A 165 28.36 6.51 0.89
N VAL A 166 27.80 7.65 1.30
CA VAL A 166 27.54 8.75 0.38
C VAL A 166 28.83 9.22 -0.29
N ASN A 167 29.86 9.46 0.52
CA ASN A 167 31.21 9.78 0.04
C ASN A 167 31.66 8.75 -0.98
N ASP A 168 31.56 7.47 -0.65
CA ASP A 168 32.01 6.42 -1.56
C ASP A 168 31.18 6.28 -2.83
N LYS A 169 29.87 6.36 -2.70
CA LYS A 169 28.98 5.87 -3.77
C LYS A 169 28.37 6.95 -4.67
N LEU A 170 28.19 8.14 -4.10
CA LEU A 170 27.49 9.27 -4.70
C LEU A 170 28.47 10.45 -4.94
N ASN A 171 28.28 11.17 -6.04
CA ASN A 171 28.98 12.45 -6.27
C ASN A 171 28.14 13.53 -5.63
N TYR A 172 28.80 14.50 -4.99
CA TYR A 172 28.09 15.73 -4.59
C TYR A 172 28.00 16.68 -5.82
N PRO A 173 26.98 17.57 -5.84
CA PRO A 173 25.85 17.71 -4.92
C PRO A 173 24.94 16.49 -4.81
N VAL A 174 24.29 16.38 -3.67
CA VAL A 174 23.32 15.33 -3.40
C VAL A 174 22.09 16.00 -2.81
N PHE A 175 20.94 15.34 -2.91
CA PHE A 175 19.72 15.85 -2.28
C PHE A 175 19.30 14.95 -1.15
N VAL A 176 18.83 15.56 -0.07
CA VAL A 176 18.30 14.82 1.06
C VAL A 176 16.78 14.96 0.96
N LYS A 177 16.10 13.82 0.87
CA LYS A 177 14.65 13.78 0.65
C LYS A 177 14.01 12.93 1.74
N PRO A 178 13.04 13.47 2.48
CA PRO A 178 12.15 12.55 3.20
C PRO A 178 11.58 11.50 2.24
N ALA A 179 11.40 10.26 2.69
CA ALA A 179 10.91 9.21 1.77
C ALA A 179 9.44 9.40 1.47
N ASN A 180 8.75 10.01 2.43
CA ASN A 180 7.29 9.99 2.54
C ASN A 180 6.68 11.41 2.30
N LEU A 181 5.40 11.49 1.93
CA LEU A 181 4.84 12.76 1.39
C LEU A 181 5.63 13.28 0.18
N GLY A 182 5.00 14.15 -0.61
CA GLY A 182 5.57 14.62 -1.88
C GLY A 182 6.02 16.09 -1.93
N SER A 183 7.14 16.36 -2.62
CA SER A 183 7.55 17.74 -3.00
C SER A 183 7.65 18.76 -1.82
N SER A 184 7.49 18.27 -0.60
CA SER A 184 7.11 19.11 0.53
C SER A 184 8.33 19.56 1.41
N VAL A 185 8.16 19.45 2.74
CA VAL A 185 9.13 19.91 3.73
C VAL A 185 10.34 19.00 3.80
N GLY A 186 11.46 19.55 4.27
CA GLY A 186 12.67 18.79 4.56
C GLY A 186 13.57 18.33 3.42
N ILE A 187 13.40 18.92 2.23
CA ILE A 187 14.34 18.71 1.11
C ILE A 187 15.51 19.70 1.08
N SER A 188 16.75 19.20 1.16
CA SER A 188 17.96 20.03 0.96
C SER A 188 18.88 19.59 -0.20
N LYS A 189 19.44 20.59 -0.88
CA LYS A 189 20.61 20.47 -1.75
C LYS A 189 21.87 20.63 -0.90
N CYS A 190 22.78 19.66 -1.01
CA CYS A 190 23.96 19.58 -0.16
C CYS A 190 25.22 19.39 -1.01
N ASN A 191 26.18 20.31 -0.89
CA ASN A 191 27.36 20.31 -1.75
C ASN A 191 28.56 19.66 -1.08
N ASN A 192 28.42 19.40 0.22
CA ASN A 192 29.51 18.85 1.00
C ASN A 192 28.93 18.09 2.16
N GLU A 193 29.80 17.53 3.01
CA GLU A 193 29.34 16.64 4.08
C GLU A 193 28.74 17.41 5.24
N ALA A 194 29.33 18.54 5.56
CA ALA A 194 28.77 19.45 6.54
C ALA A 194 27.31 19.74 6.27
N GLU A 195 27.02 20.06 5.02
CA GLU A 195 25.67 20.35 4.57
C GLU A 195 24.77 19.13 4.64
N LEU A 196 25.24 18.00 4.14
CA LEU A 196 24.44 16.77 4.17
C LEU A 196 23.94 16.47 5.58
N LYS A 197 24.87 16.55 6.53
CA LYS A 197 24.56 16.22 7.90
C LYS A 197 23.50 17.19 8.43
N GLU A 198 23.60 18.48 8.09
CA GLU A 198 22.51 19.44 8.38
C GLU A 198 21.14 19.04 7.78
N GLY A 199 21.15 18.65 6.50
CA GLY A 199 19.95 18.29 5.76
C GLY A 199 19.30 17.04 6.31
N ILE A 200 20.12 16.02 6.58
CA ILE A 200 19.66 14.79 7.28
C ILE A 200 18.96 15.13 8.59
N LYS A 201 19.69 15.88 9.45
CA LYS A 201 19.16 16.33 10.75
C LYS A 201 17.79 17.02 10.55
N GLU A 202 17.73 17.95 9.60
CA GLU A 202 16.53 18.69 9.32
C GLU A 202 15.37 17.82 8.76
N ALA A 203 15.68 16.89 7.87
CA ALA A 203 14.69 15.97 7.27
C ALA A 203 14.04 15.05 8.28
N PHE A 204 14.82 14.58 9.23
CA PHE A 204 14.33 13.73 10.33
C PHE A 204 13.35 14.40 11.31
N GLN A 205 13.23 15.74 11.29
CA GLN A 205 12.16 16.43 11.97
C GLN A 205 10.79 16.03 11.43
N PHE A 206 10.75 15.59 10.18
CA PHE A 206 9.47 15.30 9.51
C PHE A 206 9.35 13.85 9.03
N ASP A 207 10.45 13.10 8.98
CA ASP A 207 10.34 11.72 8.46
C ASP A 207 11.27 10.77 9.13
N ARG A 208 10.92 9.50 9.12
CA ARG A 208 11.68 8.51 9.86
C ARG A 208 12.58 7.73 8.93
N LYS A 209 12.50 8.05 7.64
CA LYS A 209 13.13 7.31 6.57
C LYS A 209 13.48 8.34 5.49
N LEU A 210 14.75 8.34 5.09
CA LEU A 210 15.32 9.28 4.11
C LEU A 210 15.91 8.61 2.88
N VAL A 211 15.85 9.33 1.77
CA VAL A 211 16.62 9.03 0.55
C VAL A 211 17.67 10.12 0.32
N ILE A 212 18.89 9.74 -0.08
CA ILE A 212 19.96 10.66 -0.50
C ILE A 212 20.23 10.32 -1.95
N GLU A 213 20.05 11.31 -2.82
CA GLU A 213 20.26 11.10 -4.23
C GLU A 213 21.34 12.00 -4.75
N GLN A 214 22.13 11.45 -5.63
CA GLN A 214 23.01 12.21 -6.45
C GLN A 214 22.13 13.08 -7.37
N GLY A 215 22.30 14.39 -7.26
CA GLY A 215 21.70 15.34 -8.17
C GLY A 215 22.36 15.35 -9.54
N VAL A 216 21.63 15.90 -10.51
CA VAL A 216 22.12 16.03 -11.87
C VAL A 216 21.54 17.27 -12.45
N ASN A 217 22.12 17.66 -13.59
CA ASN A 217 21.61 18.76 -14.38
C ASN A 217 20.86 18.03 -15.48
N ALA A 218 19.54 18.19 -15.50
CA ALA A 218 18.74 17.48 -16.49
C ALA A 218 17.45 18.22 -16.80
N ARG A 219 17.00 18.10 -18.03
CA ARG A 219 15.66 18.46 -18.36
C ARG A 219 14.67 17.49 -17.67
N GLU A 220 13.52 18.01 -17.28
CA GLU A 220 12.48 17.22 -16.63
C GLU A 220 11.50 16.92 -17.71
N ILE A 221 11.27 15.65 -17.94
CA ILE A 221 10.44 15.24 -19.08
C ILE A 221 9.40 14.27 -18.57
N GLU A 222 8.18 14.44 -19.06
CA GLU A 222 7.09 13.65 -18.57
C GLU A 222 6.31 12.89 -19.61
N VAL A 223 5.81 11.75 -19.18
CA VAL A 223 5.00 10.86 -20.00
C VAL A 223 3.75 10.47 -19.20
N ALA A 224 2.59 10.60 -19.83
CA ALA A 224 1.31 10.22 -19.31
C ALA A 224 1.01 8.78 -19.73
N VAL A 225 0.62 7.93 -18.81
CA VAL A 225 0.08 6.63 -19.19
C VAL A 225 -1.36 6.38 -18.70
N LEU A 226 -2.12 5.68 -19.51
CA LEU A 226 -3.52 5.50 -19.30
C LEU A 226 -3.86 4.05 -19.62
N GLY A 227 -4.56 3.39 -18.69
CA GLY A 227 -5.03 2.04 -18.92
C GLY A 227 -4.98 1.19 -17.69
N ASN A 228 -5.30 -0.08 -17.84
CA ASN A 228 -5.24 -1.01 -16.74
C ASN A 228 -4.27 -2.11 -17.13
N ASP A 229 -4.71 -3.09 -17.91
CA ASP A 229 -3.85 -4.22 -18.28
C ASP A 229 -3.10 -4.00 -19.59
N TYR A 230 -3.57 -3.11 -20.44
CA TYR A 230 -2.96 -2.83 -21.75
C TYR A 230 -2.81 -1.32 -21.90
N PRO A 231 -1.98 -0.72 -21.03
CA PRO A 231 -1.83 0.73 -20.99
C PRO A 231 -1.08 1.32 -22.19
N GLU A 232 -1.29 2.62 -22.42
CA GLU A 232 -0.70 3.30 -23.56
C GLU A 232 -0.04 4.54 -23.00
N ALA A 233 1.07 4.93 -23.62
CA ALA A 233 1.91 6.02 -23.16
C ALA A 233 1.86 7.07 -24.21
N THR A 234 1.79 8.33 -23.76
CA THR A 234 1.82 9.46 -24.66
C THR A 234 3.24 9.77 -25.13
N TRP A 235 3.38 10.61 -26.16
CA TRP A 235 4.68 11.15 -26.46
C TRP A 235 5.04 12.02 -25.26
N PRO A 236 6.35 12.19 -25.01
CA PRO A 236 6.68 12.97 -23.84
C PRO A 236 6.49 14.47 -24.05
N GLY A 237 6.40 15.18 -22.92
CA GLY A 237 6.25 16.60 -22.82
C GLY A 237 7.22 17.19 -21.82
N GLU A 238 7.36 18.50 -21.91
CA GLU A 238 8.30 19.22 -21.08
C GLU A 238 7.74 20.63 -20.70
N VAL A 239 8.11 21.11 -19.51
CA VAL A 239 7.80 22.51 -19.13
C VAL A 239 8.86 23.36 -19.82
N VAL A 240 8.42 24.36 -20.58
CA VAL A 240 9.39 25.20 -21.29
C VAL A 240 10.13 26.07 -20.25
N LYS A 241 11.47 25.96 -20.27
CA LYS A 241 12.38 26.62 -19.32
C LYS A 241 13.78 26.60 -19.97
N ASP A 242 14.45 27.76 -20.08
CA ASP A 242 15.83 27.75 -20.61
C ASP A 242 16.84 27.18 -19.58
N VAL A 243 16.51 27.24 -18.28
CA VAL A 243 17.43 26.77 -17.23
C VAL A 243 16.75 25.75 -16.29
N ALA A 244 17.50 24.71 -15.86
CA ALA A 244 16.94 23.53 -15.15
C ALA A 244 16.92 23.56 -13.62
N PHE A 245 17.71 24.45 -13.00
CA PHE A 245 17.84 24.47 -11.51
C PHE A 245 16.68 23.80 -10.75
N VAL A 257 1.70 28.54 -17.00
CA VAL A 257 2.92 27.72 -17.22
C VAL A 257 2.93 26.98 -18.54
N GLN A 258 3.87 27.37 -19.40
CA GLN A 258 4.00 26.85 -20.76
C GLN A 258 4.69 25.48 -20.85
N LEU A 259 4.16 24.68 -21.75
CA LEU A 259 4.53 23.29 -21.95
C LEU A 259 4.90 23.14 -23.40
N GLN A 260 5.85 22.24 -23.66
CA GLN A 260 6.21 21.82 -25.01
C GLN A 260 5.94 20.34 -25.12
N ILE A 261 4.92 20.05 -25.91
CA ILE A 261 4.37 18.77 -26.13
C ILE A 261 4.13 18.65 -27.63
N PRO A 262 4.80 17.71 -28.30
CA PRO A 262 5.77 16.73 -27.77
C PRO A 262 7.09 17.39 -27.31
N ALA A 263 7.84 16.79 -26.41
CA ALA A 263 9.09 17.43 -25.98
C ALA A 263 10.09 17.48 -27.14
N ASP A 264 11.07 18.39 -27.02
CA ASP A 264 12.07 18.62 -28.06
C ASP A 264 13.22 17.67 -27.83
N LEU A 265 12.99 16.46 -28.29
CA LEU A 265 13.90 15.38 -28.07
C LEU A 265 13.86 14.61 -29.31
N ASP A 266 14.98 13.91 -29.54
CA ASP A 266 15.15 12.84 -30.52
C ASP A 266 14.00 11.88 -30.43
N GLU A 267 13.53 11.45 -31.58
CA GLU A 267 12.46 10.48 -31.72
C GLU A 267 12.73 9.24 -30.92
N ASP A 268 13.95 8.77 -31.00
CA ASP A 268 14.33 7.52 -30.38
C ASP A 268 14.31 7.67 -28.83
N VAL A 269 14.67 8.86 -28.35
CA VAL A 269 14.65 9.15 -26.93
C VAL A 269 13.22 9.19 -26.52
N GLN A 270 12.37 9.75 -27.37
CA GLN A 270 10.95 9.74 -27.09
C GLN A 270 10.36 8.36 -27.00
N LEU A 271 10.63 7.52 -27.98
CA LEU A 271 10.15 6.14 -27.96
C LEU A 271 10.64 5.40 -26.71
N THR A 272 11.91 5.59 -26.38
CA THR A 272 12.51 4.93 -25.20
C THR A 272 11.79 5.35 -23.95
N LEU A 273 11.46 6.64 -23.84
CA LEU A 273 10.71 7.15 -22.68
C LEU A 273 9.29 6.59 -22.60
N ARG A 274 8.63 6.50 -23.75
CA ARG A 274 7.33 5.89 -23.80
C ARG A 274 7.39 4.48 -23.27
N ASN A 275 8.33 3.68 -23.73
CA ASN A 275 8.42 2.33 -23.26
C ASN A 275 8.77 2.26 -21.77
N MET A 276 9.72 3.06 -21.34
CA MET A 276 10.07 3.11 -19.97
C MET A 276 8.93 3.51 -19.08
N ALA A 277 8.09 4.40 -19.57
CA ALA A 277 6.88 4.80 -18.80
C ALA A 277 5.91 3.62 -18.56
N LEU A 278 5.71 2.82 -19.58
CA LEU A 278 4.86 1.62 -19.48
C LEU A 278 5.46 0.71 -18.47
N GLU A 279 6.79 0.56 -18.49
CA GLU A 279 7.50 -0.24 -17.54
C GLU A 279 7.38 0.26 -16.11
N ALA A 280 7.49 1.56 -15.94
CA ALA A 280 7.32 2.17 -14.62
C ALA A 280 5.86 1.97 -14.09
N PHE A 281 4.87 2.14 -14.97
CA PHE A 281 3.46 1.86 -14.65
C PHE A 281 3.28 0.43 -14.09
N LYS A 282 3.95 -0.52 -14.72
CA LYS A 282 3.83 -1.91 -14.35
C LYS A 282 4.60 -2.20 -13.08
N ALA A 283 5.77 -1.57 -12.93
CA ALA A 283 6.65 -1.80 -11.80
C ALA A 283 5.97 -1.46 -10.51
N THR A 284 5.09 -0.47 -10.54
CA THR A 284 4.38 -0.06 -9.33
C THR A 284 2.94 -0.55 -9.39
N ASP A 285 2.67 -1.42 -10.33
CA ASP A 285 1.38 -2.02 -10.54
C ASP A 285 0.23 -1.02 -10.52
N CYS A 286 0.33 0.00 -11.33
CA CYS A 286 -0.69 1.02 -11.43
C CYS A 286 -1.97 0.48 -12.07
N SER A 287 -3.04 1.24 -11.88
CA SER A 287 -4.32 1.07 -12.48
C SER A 287 -4.71 2.44 -12.89
N GLY A 288 -5.36 2.53 -14.04
CA GLY A 288 -5.97 3.73 -14.51
C GLY A 288 -4.98 4.66 -15.15
N LEU A 289 -4.00 5.14 -14.41
CA LEU A 289 -3.03 6.10 -15.00
C LEU A 289 -1.77 6.18 -14.14
N VAL A 290 -0.72 6.74 -14.74
CA VAL A 290 0.40 7.31 -14.01
C VAL A 290 1.02 8.35 -14.91
N ARG A 291 1.70 9.30 -14.29
CA ARG A 291 2.60 10.18 -15.02
C ARG A 291 3.96 9.76 -14.61
N ALA A 292 4.82 9.43 -15.57
CA ALA A 292 6.20 9.04 -15.29
C ALA A 292 7.09 10.24 -15.60
N ASP A 293 7.93 10.62 -14.64
CA ASP A 293 8.69 11.84 -14.72
C ASP A 293 10.14 11.44 -14.79
N PHE A 294 10.82 11.83 -15.88
CA PHE A 294 12.21 11.46 -16.11
C PHE A 294 13.12 12.66 -16.05
N PHE A 295 14.39 12.40 -15.80
CA PHE A 295 15.41 13.42 -16.00
C PHE A 295 16.07 13.01 -17.31
N VAL A 296 16.26 13.95 -18.23
CA VAL A 296 17.04 13.66 -19.43
C VAL A 296 18.21 14.62 -19.45
N THR A 297 19.44 14.10 -19.37
CA THR A 297 20.64 14.95 -19.44
C THR A 297 20.94 15.46 -20.86
N GLU A 298 21.86 16.41 -20.94
CA GLU A 298 22.31 16.99 -22.21
C GLU A 298 22.78 15.93 -23.19
N ASP A 299 23.39 14.86 -22.69
CA ASP A 299 23.86 13.77 -23.53
C ASP A 299 22.88 12.59 -23.58
N ASN A 300 21.60 12.92 -23.55
CA ASN A 300 20.53 11.93 -23.57
C ASN A 300 20.62 10.79 -22.59
N GLN A 301 21.26 10.94 -21.45
CA GLN A 301 21.09 9.90 -20.44
C GLN A 301 19.77 10.12 -19.71
N ILE A 302 18.99 9.04 -19.69
CA ILE A 302 17.63 9.00 -19.12
C ILE A 302 17.68 8.36 -17.73
N TYR A 303 16.97 8.97 -16.79
CA TYR A 303 16.83 8.45 -15.43
C TYR A 303 15.39 8.65 -15.09
N ILE A 304 14.69 7.60 -14.67
CA ILE A 304 13.36 7.79 -14.11
C ILE A 304 13.53 8.51 -12.76
N ASN A 305 12.81 9.61 -12.59
CA ASN A 305 12.84 10.34 -11.31
C ASN A 305 11.76 9.82 -10.39
N GLU A 306 10.54 9.88 -10.84
CA GLU A 306 9.50 9.20 -10.15
C GLU A 306 8.28 9.01 -10.99
N THR A 307 7.36 8.19 -10.48
CA THR A 307 6.02 8.17 -11.00
C THR A 307 5.15 8.96 -10.09
N ASN A 308 4.07 9.53 -10.69
CA ASN A 308 3.02 10.30 -9.95
C ASN A 308 1.64 9.68 -10.20
N ALA A 309 1.08 9.14 -9.14
CA ALA A 309 -0.16 8.38 -9.23
C ALA A 309 -1.38 9.36 -9.25
N MET A 310 -1.15 10.60 -8.88
CA MET A 310 -2.20 11.61 -8.73
C MET A 310 -1.72 12.91 -9.34
N PRO A 311 -1.48 12.88 -10.64
CA PRO A 311 -0.83 13.98 -11.27
C PRO A 311 -1.81 15.17 -11.39
N GLY A 312 -1.24 16.36 -11.52
CA GLY A 312 -2.00 17.55 -11.86
C GLY A 312 -2.97 17.16 -12.96
N PHE A 313 -4.20 17.61 -12.81
CA PHE A 313 -5.27 17.16 -13.64
C PHE A 313 -6.26 18.23 -14.04
N THR A 314 -5.89 19.51 -13.98
CA THR A 314 -6.68 20.55 -14.61
C THR A 314 -6.66 20.39 -16.14
N ALA A 315 -7.47 21.19 -16.81
CA ALA A 315 -7.52 21.23 -18.26
C ALA A 315 -6.15 21.56 -18.84
N PHE A 316 -5.40 22.42 -18.16
CA PHE A 316 -4.08 22.80 -18.64
C PHE A 316 -2.92 22.02 -17.99
N SER A 317 -3.19 21.00 -17.19
CA SER A 317 -2.08 20.32 -16.52
C SER A 317 -1.33 19.46 -17.53
N MET A 318 -0.13 19.01 -17.16
CA MET A 318 0.69 18.27 -18.06
C MET A 318 0.00 16.98 -18.48
N TYR A 319 -0.59 16.28 -17.51
CA TYR A 319 -1.06 14.95 -17.78
C TYR A 319 -2.17 15.03 -18.86
N PRO A 320 -3.22 15.84 -18.63
CA PRO A 320 -4.25 16.01 -19.68
C PRO A 320 -3.74 16.62 -21.00
N LYS A 321 -2.83 17.57 -20.94
CA LYS A 321 -2.27 18.11 -22.16
C LYS A 321 -1.48 17.06 -22.98
N LEU A 322 -0.79 16.14 -22.31
CA LEU A 322 -0.04 15.10 -22.99
C LEU A 322 -0.98 14.23 -23.77
N TRP A 323 -2.19 13.97 -23.22
CA TRP A 323 -3.18 13.14 -23.94
C TRP A 323 -3.86 13.93 -25.06
N GLU A 324 -4.06 15.22 -24.81
CA GLU A 324 -4.62 16.07 -25.83
C GLU A 324 -3.77 15.99 -27.11
N ASN A 325 -2.43 15.97 -26.97
CA ASN A 325 -1.52 15.83 -28.11
C ASN A 325 -1.68 14.51 -28.87
N MET A 326 -2.20 13.48 -28.20
CA MET A 326 -2.43 12.20 -28.86
C MET A 326 -3.79 12.16 -29.54
N GLY A 327 -4.57 13.24 -29.36
CA GLY A 327 -5.91 13.33 -29.93
C GLY A 327 -7.00 12.89 -28.98
N LEU A 328 -6.68 12.72 -27.70
CA LEU A 328 -7.67 12.34 -26.71
C LEU A 328 -8.03 13.62 -25.91
N SER A 329 -9.25 14.16 -26.12
CA SER A 329 -9.62 15.39 -25.47
C SER A 329 -9.81 15.10 -23.97
N TYR A 330 -9.94 16.18 -23.22
CA TYR A 330 -10.02 16.14 -21.78
C TYR A 330 -11.31 15.43 -21.30
N PRO A 331 -12.45 15.69 -21.93
CA PRO A 331 -13.62 14.90 -21.58
C PRO A 331 -13.49 13.42 -21.95
N GLU A 332 -12.85 13.13 -23.06
CA GLU A 332 -12.63 11.75 -23.47
C GLU A 332 -11.71 11.09 -22.49
N LEU A 333 -10.67 11.82 -22.05
CA LEU A 333 -9.78 11.35 -20.99
C LEU A 333 -10.54 10.96 -19.73
N ILE A 334 -11.43 11.84 -19.29
CA ILE A 334 -12.28 11.63 -18.10
C ILE A 334 -13.20 10.40 -18.27
N THR A 335 -13.81 10.27 -19.45
CA THR A 335 -14.66 9.11 -19.78
C THR A 335 -13.83 7.82 -19.82
N LYS A 336 -12.66 7.87 -20.44
CA LYS A 336 -11.83 6.70 -20.46
C LYS A 336 -11.48 6.23 -19.03
N LEU A 337 -11.12 7.15 -18.17
CA LEU A 337 -10.83 6.83 -16.77
C LEU A 337 -12.00 6.21 -16.01
N ILE A 338 -13.19 6.69 -16.33
CA ILE A 338 -14.41 6.11 -15.83
C ILE A 338 -14.57 4.69 -16.30
N GLU A 339 -14.41 4.47 -17.61
CA GLU A 339 -14.57 3.11 -18.16
C GLU A 339 -13.56 2.12 -17.57
N LEU A 340 -12.30 2.51 -17.49
CA LEU A 340 -11.25 1.73 -16.83
C LEU A 340 -11.61 1.41 -15.42
N ALA A 341 -12.09 2.41 -14.70
CA ALA A 341 -12.56 2.20 -13.33
C ALA A 341 -13.68 1.12 -13.27
N LYS A 342 -14.59 1.13 -14.24
CA LYS A 342 -15.62 0.12 -14.27
C LYS A 342 -15.08 -1.19 -14.58
N GLU A 343 -14.16 -1.25 -15.55
CA GLU A 343 -13.59 -2.54 -15.95
C GLU A 343 -12.86 -3.14 -14.82
N ARG A 344 -12.02 -2.36 -14.17
CA ARG A 344 -11.27 -2.83 -13.02
C ARG A 344 -12.12 -3.36 -11.89
N HIS A 345 -13.11 -2.59 -11.52
CA HIS A 345 -14.05 -2.98 -10.48
C HIS A 345 -14.78 -4.28 -10.83
N GLN A 346 -15.20 -4.40 -12.08
CA GLN A 346 -15.87 -5.62 -12.57
C GLN A 346 -14.91 -6.80 -12.52
N ASP A 347 -13.66 -6.56 -12.92
CA ASP A 347 -12.66 -7.59 -12.83
C ASP A 347 -12.41 -8.03 -11.39
N LYS A 348 -12.31 -7.12 -10.42
CA LYS A 348 -12.11 -7.55 -9.05
C LYS A 348 -13.34 -8.34 -8.62
N GLN A 349 -14.54 -7.92 -9.05
CA GLN A 349 -15.77 -8.63 -8.69
C GLN A 349 -15.77 -10.07 -9.25
N LYS A 350 -15.32 -10.24 -10.49
CA LYS A 350 -15.15 -11.59 -11.05
C LYS A 350 -14.13 -12.41 -10.29
N ASN A 351 -13.00 -11.82 -9.92
CA ASN A 351 -11.95 -12.56 -9.24
C ASN A 351 -12.39 -12.98 -7.87
N LYS A 352 -12.88 -12.06 -7.06
CA LYS A 352 -13.35 -12.44 -5.74
C LYS A 352 -14.38 -13.55 -5.79
N TYR A 353 -15.29 -13.47 -6.76
CA TYR A 353 -16.27 -14.53 -6.97
C TYR A 353 -15.60 -15.86 -7.21
N LYS A 354 -14.66 -15.88 -8.13
CA LYS A 354 -13.99 -17.13 -8.48
C LYS A 354 -13.17 -17.67 -7.30
N ILE A 355 -12.48 -16.76 -6.62
CA ILE A 355 -11.68 -17.11 -5.45
C ILE A 355 -12.59 -17.71 -4.43
N ASP A 356 -13.54 -16.93 -3.98
CA ASP A 356 -14.51 -17.39 -2.97
C ASP A 356 -15.20 -18.72 -3.29
N ARG A 357 -15.26 -19.08 -4.57
CA ARG A 357 -15.91 -20.35 -4.96
C ARG A 357 -14.98 -21.57 -4.93
N SER A 358 -13.85 -21.49 -4.23
CA SER A 358 -13.30 -22.68 -3.50
C SER A 358 -13.03 -22.44 -2.02
N LYS B 3 -8.07 5.00 32.24
CA LYS B 3 -8.44 3.72 31.52
C LYS B 3 -8.68 3.86 30.01
N GLU B 4 -7.95 3.05 29.27
CA GLU B 4 -7.87 3.14 27.83
C GLU B 4 -8.96 2.33 27.15
N ASN B 5 -9.28 2.80 25.97
CA ASN B 5 -10.39 2.28 25.21
C ASN B 5 -9.88 1.50 23.97
N ILE B 6 -10.34 0.27 23.83
CA ILE B 6 -9.86 -0.61 22.82
C ILE B 6 -11.01 -1.10 22.02
N CYS B 7 -10.82 -1.24 20.70
CA CYS B 7 -11.83 -1.89 19.85
C CYS B 7 -11.19 -3.06 19.16
N ILE B 8 -11.86 -4.22 19.17
CA ILE B 8 -11.51 -5.38 18.34
C ILE B 8 -12.49 -5.51 17.20
N VAL B 9 -11.95 -5.45 15.97
CA VAL B 9 -12.68 -5.69 14.73
C VAL B 9 -12.25 -7.06 14.14
N PHE B 10 -13.26 -7.87 13.82
CA PHE B 10 -13.06 -9.20 13.40
C PHE B 10 -14.26 -9.55 12.51
N GLY B 11 -14.21 -10.76 11.96
CA GLY B 11 -15.19 -11.25 11.01
C GLY B 11 -14.61 -11.25 9.62
N GLY B 12 -15.26 -10.55 8.70
CA GLY B 12 -14.80 -10.53 7.33
C GLY B 12 -15.71 -11.37 6.44
N LYS B 13 -15.72 -11.00 5.17
CA LYS B 13 -16.48 -11.66 4.13
C LYS B 13 -15.65 -12.77 3.56
N SER B 14 -14.33 -12.63 3.72
CA SER B 14 -13.39 -13.64 3.28
C SER B 14 -13.60 -14.89 4.15
N ALA B 15 -13.19 -16.06 3.59
CA ALA B 15 -13.46 -17.39 4.19
C ALA B 15 -12.47 -17.60 5.33
N GLU B 16 -12.26 -16.55 6.11
CA GLU B 16 -11.39 -16.59 7.25
C GLU B 16 -12.14 -16.08 8.48
N HIS B 17 -13.45 -15.91 8.29
CA HIS B 17 -14.43 -15.54 9.29
C HIS B 17 -14.21 -16.24 10.60
N GLU B 18 -14.12 -17.57 10.55
CA GLU B 18 -14.07 -18.37 11.78
C GLU B 18 -12.74 -18.24 12.54
N VAL B 19 -11.63 -18.24 11.83
CA VAL B 19 -10.34 -18.04 12.48
C VAL B 19 -10.27 -16.62 13.06
N SER B 20 -10.75 -15.63 12.28
CA SER B 20 -10.90 -14.30 12.79
C SER B 20 -11.72 -14.28 14.10
N ILE B 21 -12.85 -14.96 14.12
CA ILE B 21 -13.67 -14.98 15.33
C ILE B 21 -12.92 -15.64 16.53
N LEU B 22 -12.28 -16.79 16.31
CA LEU B 22 -11.52 -17.50 17.34
C LEU B 22 -10.42 -16.61 17.91
N THR B 23 -9.75 -15.89 17.02
CA THR B 23 -8.68 -14.98 17.36
C THR B 23 -9.24 -13.83 18.20
N ALA B 24 -10.43 -13.31 17.82
CA ALA B 24 -11.10 -12.23 18.60
C ALA B 24 -11.39 -12.71 20.01
N GLN B 25 -11.93 -13.93 20.12
CA GLN B 25 -12.12 -14.56 21.44
C GLN B 25 -10.83 -14.73 22.21
N ASN B 26 -9.77 -15.20 21.55
CA ASN B 26 -8.45 -15.31 22.24
C ASN B 26 -7.96 -13.93 22.76
N VAL B 27 -7.97 -12.95 21.87
CA VAL B 27 -7.49 -11.63 22.22
C VAL B 27 -8.39 -11.01 23.27
N LEU B 28 -9.69 -11.20 23.13
CA LEU B 28 -10.61 -10.66 24.09
C LEU B 28 -10.39 -11.24 25.46
N ASN B 29 -10.01 -12.51 25.55
CA ASN B 29 -9.90 -13.17 26.82
C ASN B 29 -8.53 -12.95 27.46
N ALA B 30 -7.55 -12.54 26.68
CA ALA B 30 -6.24 -12.21 27.24
C ALA B 30 -6.09 -10.71 27.64
N ILE B 31 -7.11 -9.90 27.35
CA ILE B 31 -7.08 -8.46 27.64
C ILE B 31 -7.54 -8.16 29.10
N ASP B 32 -6.73 -7.46 29.87
CA ASP B 32 -7.16 -7.17 31.24
C ASP B 32 -8.16 -6.07 31.19
N LYS B 33 -9.33 -6.33 31.78
CA LYS B 33 -10.47 -5.46 31.65
C LYS B 33 -10.52 -4.32 32.68
N ASP B 34 -9.54 -4.27 33.57
CA ASP B 34 -9.44 -3.15 34.50
C ASP B 34 -8.40 -2.15 34.00
N LYS B 35 -7.58 -2.54 33.02
CA LYS B 35 -6.72 -1.58 32.32
C LYS B 35 -7.41 -1.05 31.06
N TYR B 36 -8.24 -1.90 30.46
CA TYR B 36 -8.82 -1.61 29.18
C TYR B 36 -10.34 -1.72 29.16
N HIS B 37 -10.97 -0.66 28.67
CA HIS B 37 -12.37 -0.64 28.29
C HIS B 37 -12.41 -1.12 26.84
N VAL B 38 -13.15 -2.19 26.59
CA VAL B 38 -13.14 -2.89 25.31
C VAL B 38 -14.53 -3.01 24.65
N ASP B 39 -14.63 -2.57 23.38
CA ASP B 39 -15.74 -2.86 22.50
C ASP B 39 -15.31 -3.78 21.35
N ILE B 40 -16.30 -4.41 20.74
CA ILE B 40 -16.06 -5.25 19.57
C ILE B 40 -16.91 -4.87 18.39
N ILE B 41 -16.35 -5.04 17.19
CA ILE B 41 -17.10 -4.85 15.95
C ILE B 41 -16.95 -6.10 15.13
N TYR B 42 -18.08 -6.68 14.82
CA TYR B 42 -18.16 -7.86 14.02
C TYR B 42 -18.70 -7.46 12.64
N ILE B 43 -17.90 -7.78 11.63
CA ILE B 43 -18.26 -7.57 10.24
C ILE B 43 -18.69 -8.93 9.70
N THR B 44 -19.97 -9.02 9.32
CA THR B 44 -20.55 -10.24 8.78
C THR B 44 -19.94 -10.61 7.43
N ASN B 45 -20.23 -11.82 6.95
CA ASN B 45 -20.00 -12.10 5.51
C ASN B 45 -21.02 -11.30 4.65
N ASP B 46 -21.15 -9.99 4.90
CA ASP B 46 -22.14 -9.15 4.19
C ASP B 46 -21.70 -7.69 4.16
N GLY B 47 -20.75 -7.38 5.04
CA GLY B 47 -20.32 -6.00 5.25
C GLY B 47 -21.24 -5.32 6.24
N ASP B 48 -22.07 -6.09 6.93
CA ASP B 48 -22.82 -5.54 8.02
C ASP B 48 -21.86 -5.43 9.16
N TRP B 49 -21.67 -4.22 9.66
CA TRP B 49 -20.83 -3.94 10.78
C TRP B 49 -21.69 -3.98 12.02
N ARG B 50 -21.31 -4.81 13.00
CA ARG B 50 -22.08 -4.98 14.23
C ARG B 50 -21.26 -4.71 15.46
N LYS B 51 -21.67 -3.74 16.26
CA LYS B 51 -20.87 -3.37 17.41
C LYS B 51 -21.48 -3.90 18.69
N GLN B 52 -20.64 -4.33 19.61
CA GLN B 52 -21.06 -4.57 20.96
C GLN B 52 -20.07 -3.89 21.89
N ASN B 53 -20.65 -3.21 22.86
CA ASN B 53 -19.92 -2.31 23.70
C ASN B 53 -19.57 -2.97 25.01
N ASN B 54 -18.48 -2.49 25.56
CA ASN B 54 -18.09 -2.75 26.93
C ASN B 54 -18.11 -4.26 27.29
N ILE B 55 -17.18 -4.98 26.66
CA ILE B 55 -17.04 -6.39 26.90
C ILE B 55 -16.29 -6.45 28.19
N THR B 56 -16.95 -7.03 29.15
CA THR B 56 -16.55 -6.96 30.54
C THR B 56 -16.35 -8.36 31.12
N ALA B 57 -16.57 -9.41 30.33
CA ALA B 57 -16.57 -10.81 30.84
C ALA B 57 -15.97 -11.81 29.85
N GLU B 58 -15.46 -12.93 30.37
CA GLU B 58 -14.76 -13.89 29.50
C GLU B 58 -15.73 -14.40 28.43
N ILE B 59 -15.25 -14.54 27.19
CA ILE B 59 -16.10 -15.07 26.10
C ILE B 59 -16.01 -16.56 26.09
N LYS B 60 -16.94 -17.20 26.78
CA LYS B 60 -16.90 -18.66 26.96
C LYS B 60 -17.01 -19.43 25.62
N SER B 61 -17.71 -18.87 24.63
CA SER B 61 -17.89 -19.53 23.32
C SER B 61 -17.72 -18.57 22.13
N THR B 62 -17.17 -19.12 21.08
CA THR B 62 -17.10 -18.48 19.78
C THR B 62 -18.51 -18.14 19.21
N ASP B 63 -19.57 -18.85 19.64
CA ASP B 63 -20.97 -18.55 19.21
C ASP B 63 -21.39 -17.16 19.65
N GLU B 64 -21.01 -16.82 20.89
CA GLU B 64 -21.22 -15.49 21.48
C GLU B 64 -20.83 -14.33 20.59
N LEU B 65 -19.85 -14.58 19.73
CA LEU B 65 -19.22 -13.52 18.93
C LEU B 65 -19.76 -13.41 17.50
N HIS B 66 -20.56 -14.36 17.05
CA HIS B 66 -21.39 -14.15 15.85
C HIS B 66 -22.51 -13.19 16.19
N LEU B 67 -22.20 -11.91 16.32
CA LEU B 67 -23.17 -10.93 16.78
C LEU B 67 -24.36 -10.90 15.83
N GLU B 68 -25.57 -10.85 16.42
CA GLU B 68 -26.84 -10.77 15.67
C GLU B 68 -27.26 -9.31 15.59
N ASN B 69 -26.72 -8.50 16.51
CA ASN B 69 -27.03 -7.09 16.63
C ASN B 69 -25.80 -6.19 16.79
N GLY B 70 -25.92 -4.98 16.26
CA GLY B 70 -24.94 -3.92 16.47
C GLY B 70 -25.53 -2.61 16.95
N GLU B 71 -24.73 -1.82 17.63
CA GLU B 71 -24.98 -0.39 17.79
C GLU B 71 -25.25 0.21 16.40
N ALA B 72 -26.52 0.31 16.05
CA ALA B 72 -27.04 0.61 14.68
C ALA B 72 -26.24 1.60 13.82
N LEU B 73 -25.45 2.47 14.47
CA LEU B 73 -24.71 3.61 13.87
C LEU B 73 -23.89 3.28 12.62
N GLU B 74 -23.45 4.32 11.92
CA GLU B 74 -22.68 4.10 10.69
C GLU B 74 -21.25 3.85 11.03
N ILE B 75 -20.56 3.16 10.13
CA ILE B 75 -19.15 2.74 10.30
C ILE B 75 -18.27 3.81 10.91
N SER B 76 -18.31 4.98 10.32
CA SER B 76 -17.65 6.16 10.81
C SER B 76 -17.85 6.35 12.34
N GLN B 77 -19.13 6.40 12.73
CA GLN B 77 -19.51 6.63 14.13
C GLN B 77 -19.07 5.45 14.98
N LEU B 78 -19.14 4.24 14.41
CA LEU B 78 -18.80 3.05 15.15
C LEU B 78 -17.30 3.05 15.48
N LEU B 79 -16.51 3.67 14.60
CA LEU B 79 -15.06 3.70 14.79
C LEU B 79 -14.49 4.93 15.49
N LYS B 80 -15.14 6.07 15.40
CA LYS B 80 -14.56 7.30 15.96
C LYS B 80 -14.82 7.58 17.45
N GLU B 81 -15.63 6.76 18.12
CA GLU B 81 -15.85 6.94 19.55
C GLU B 81 -16.03 5.59 20.18
N SER B 82 -15.40 5.47 21.35
CA SER B 82 -15.50 4.28 22.12
C SER B 82 -16.78 4.40 22.86
N SER B 83 -17.13 3.32 23.55
CA SER B 83 -18.35 3.30 24.36
C SER B 83 -18.23 4.32 25.49
N SER B 84 -17.00 4.62 25.88
CA SER B 84 -16.75 5.57 26.95
C SER B 84 -16.90 7.03 26.52
N GLY B 85 -17.21 7.28 25.24
CA GLY B 85 -17.37 8.63 24.74
C GLY B 85 -16.13 9.27 24.17
N GLN B 86 -14.97 8.62 24.33
CA GLN B 86 -13.71 9.13 23.82
C GLN B 86 -13.26 8.29 22.63
N PRO B 87 -12.40 8.82 21.78
CA PRO B 87 -11.77 7.97 20.79
C PRO B 87 -11.03 6.79 21.41
N TYR B 88 -10.84 5.76 20.61
CA TYR B 88 -10.09 4.61 20.99
C TYR B 88 -8.63 5.00 21.06
N ASP B 89 -7.94 4.37 22.00
CA ASP B 89 -6.50 4.37 22.05
C ASP B 89 -5.92 3.42 20.98
N ALA B 90 -6.61 2.33 20.68
CA ALA B 90 -6.12 1.34 19.68
C ALA B 90 -7.25 0.48 19.21
N VAL B 91 -7.29 0.27 17.90
CA VAL B 91 -8.20 -0.70 17.30
C VAL B 91 -7.40 -1.85 16.67
N PHE B 92 -7.76 -3.10 17.00
CA PHE B 92 -7.15 -4.33 16.45
C PHE B 92 -7.98 -4.74 15.24
N PRO B 93 -7.38 -4.73 14.04
CA PRO B 93 -8.01 -5.30 12.88
C PRO B 93 -7.65 -6.76 12.77
N LEU B 94 -8.44 -7.62 13.44
CA LEU B 94 -8.21 -9.06 13.42
C LEU B 94 -8.86 -9.73 12.24
N LEU B 95 -8.63 -9.15 11.05
CA LEU B 95 -9.21 -9.67 9.84
C LEU B 95 -8.46 -9.14 8.63
N HIS B 96 -8.53 -9.88 7.52
CA HIS B 96 -8.21 -9.36 6.23
C HIS B 96 -9.32 -8.46 5.66
N GLY B 97 -8.98 -7.68 4.66
CA GLY B 97 -10.00 -6.89 3.93
C GLY B 97 -11.07 -7.82 3.41
N PRO B 98 -12.34 -7.47 3.59
CA PRO B 98 -13.38 -8.36 3.07
C PRO B 98 -13.31 -8.75 1.57
N ASN B 99 -12.20 -8.43 0.91
CA ASN B 99 -11.77 -9.15 -0.28
C ASN B 99 -10.64 -10.17 0.00
N GLY B 100 -10.39 -10.48 1.28
CA GLY B 100 -9.16 -11.13 1.70
C GLY B 100 -7.95 -10.18 1.68
N GLU B 101 -8.20 -8.91 1.35
CA GLU B 101 -7.14 -7.91 1.13
C GLU B 101 -6.57 -7.48 2.47
N ASP B 102 -5.29 -7.05 2.46
CA ASP B 102 -4.74 -6.34 3.60
C ASP B 102 -4.48 -4.87 3.19
N GLY B 103 -4.42 -3.98 4.16
CA GLY B 103 -4.09 -2.61 3.86
C GLY B 103 -5.27 -1.76 3.55
N THR B 104 -6.44 -2.38 3.30
CA THR B 104 -7.67 -1.67 3.00
C THR B 104 -8.38 -1.12 4.25
N ILE B 105 -8.49 -1.92 5.31
CA ILE B 105 -9.08 -1.48 6.56
C ILE B 105 -8.19 -0.49 7.25
N GLN B 106 -6.89 -0.71 7.12
CA GLN B 106 -5.90 0.28 7.58
C GLN B 106 -6.16 1.66 6.98
N GLY B 107 -6.46 1.72 5.67
CA GLY B 107 -6.72 3.01 5.03
C GLY B 107 -8.02 3.64 5.50
N LEU B 108 -9.03 2.79 5.75
CA LEU B 108 -10.26 3.27 6.31
C LEU B 108 -9.90 3.93 7.62
N PHE B 109 -9.19 3.21 8.48
CA PHE B 109 -8.78 3.75 9.82
C PHE B 109 -8.03 5.08 9.69
N GLU B 110 -7.08 5.09 8.78
CA GLU B 110 -6.31 6.30 8.54
C GLU B 110 -7.17 7.46 8.12
N VAL B 111 -8.15 7.21 7.25
CA VAL B 111 -9.08 8.26 6.83
C VAL B 111 -9.95 8.76 7.99
N LEU B 112 -10.33 7.87 8.89
CA LEU B 112 -11.12 8.26 10.06
C LEU B 112 -10.28 8.73 11.25
N ASP B 113 -8.97 8.73 11.12
CA ASP B 113 -8.01 9.09 12.17
C ASP B 113 -8.16 8.21 13.40
N VAL B 114 -8.31 6.92 13.13
CA VAL B 114 -8.40 5.93 14.16
C VAL B 114 -7.03 5.24 14.41
N PRO B 115 -6.58 5.25 15.67
CA PRO B 115 -5.29 4.57 15.95
C PRO B 115 -5.49 3.06 15.84
N TYR B 116 -4.58 2.35 15.23
CA TYR B 116 -4.79 0.92 15.00
C TYR B 116 -3.51 0.13 15.23
N VAL B 117 -3.69 -1.12 15.59
CA VAL B 117 -2.63 -2.06 15.83
C VAL B 117 -2.06 -2.61 14.54
N GLY B 118 -0.75 -2.77 14.50
CA GLY B 118 -0.13 -3.52 13.47
C GLY B 118 0.32 -2.63 12.32
N ASN B 119 0.42 -3.29 11.19
CA ASN B 119 1.01 -2.75 9.97
C ASN B 119 0.15 -1.72 9.34
N GLY B 120 0.81 -0.71 8.80
CA GLY B 120 0.13 0.32 8.05
C GLY B 120 -0.22 -0.11 6.64
N VAL B 121 -0.68 0.86 5.86
CA VAL B 121 -1.26 0.61 4.57
C VAL B 121 -0.19 0.03 3.67
N LEU B 122 0.94 0.70 3.50
CA LEU B 122 1.90 0.25 2.55
C LEU B 122 2.44 -1.14 3.00
N SER B 123 2.77 -1.24 4.24
CA SER B 123 3.28 -2.48 4.73
C SER B 123 2.32 -3.67 4.62
N ALA B 124 1.07 -3.49 5.05
CA ALA B 124 0.06 -4.56 4.93
C ALA B 124 -0.19 -4.92 3.43
N ALA B 125 -0.32 -3.93 2.54
CA ALA B 125 -0.48 -4.21 1.12
C ALA B 125 0.78 -4.89 0.51
N SER B 126 1.96 -4.40 0.93
CA SER B 126 3.23 -4.88 0.44
C SER B 126 3.39 -6.36 0.71
N SER B 127 3.00 -6.75 1.92
CA SER B 127 3.21 -8.08 2.38
C SER B 127 2.23 -9.03 1.76
N MET B 128 1.12 -8.54 1.24
CA MET B 128 0.14 -9.41 0.57
C MET B 128 0.42 -9.58 -0.93
N ASP B 129 1.38 -8.84 -1.46
CA ASP B 129 1.79 -8.97 -2.84
C ASP B 129 3.17 -9.60 -2.81
N LYS B 130 3.19 -10.88 -3.17
CA LYS B 130 4.39 -11.68 -3.17
C LYS B 130 5.46 -11.14 -4.04
N LEU B 131 5.12 -10.52 -5.15
CA LEU B 131 6.16 -9.97 -5.98
C LEU B 131 6.80 -8.74 -5.37
N VAL B 132 5.99 -7.79 -4.91
CA VAL B 132 6.48 -6.61 -4.24
C VAL B 132 7.31 -7.03 -3.05
N MET B 133 6.81 -7.97 -2.27
CA MET B 133 7.54 -8.49 -1.13
C MET B 133 8.95 -8.99 -1.50
N LYS B 134 9.01 -9.84 -2.51
CA LYS B 134 10.29 -10.37 -2.92
C LYS B 134 11.25 -9.33 -3.43
N GLN B 135 10.75 -8.30 -4.12
CA GLN B 135 11.62 -7.22 -4.60
C GLN B 135 12.16 -6.41 -3.46
N LEU B 136 11.34 -6.23 -2.43
CA LEU B 136 11.80 -5.50 -1.25
C LEU B 136 12.86 -6.33 -0.54
N PHE B 137 12.65 -7.65 -0.38
CA PHE B 137 13.68 -8.49 0.31
C PHE B 137 15.06 -8.50 -0.45
N GLU B 138 14.97 -8.59 -1.76
CA GLU B 138 16.09 -8.65 -2.66
C GLU B 138 16.91 -7.39 -2.51
N HIS B 139 16.22 -6.25 -2.59
CA HIS B 139 16.90 -4.98 -2.43
C HIS B 139 17.63 -4.96 -1.12
N ARG B 140 16.98 -5.49 -0.09
CA ARG B 140 17.56 -5.53 1.28
C ARG B 140 18.73 -6.52 1.44
N GLY B 141 18.86 -7.41 0.46
CA GLY B 141 19.94 -8.38 0.41
C GLY B 141 19.59 -9.65 1.11
N LEU B 142 18.30 -9.90 1.35
CA LEU B 142 17.86 -11.14 1.99
C LEU B 142 17.88 -12.31 0.98
N PRO B 143 18.34 -13.50 1.42
CA PRO B 143 18.40 -14.63 0.46
C PRO B 143 17.03 -15.18 0.15
N GLN B 144 16.80 -15.48 -1.11
CA GLN B 144 15.55 -16.00 -1.62
C GLN B 144 15.84 -17.11 -2.62
N LEU B 145 14.96 -18.07 -2.72
CA LEU B 145 14.98 -19.04 -3.78
C LEU B 145 14.74 -18.41 -5.16
N PRO B 146 15.34 -18.99 -6.22
CA PRO B 146 15.03 -18.52 -7.58
C PRO B 146 13.53 -18.41 -7.82
N TYR B 147 13.13 -17.38 -8.54
CA TYR B 147 11.77 -17.20 -8.97
C TYR B 147 11.74 -16.30 -10.16
N ILE B 148 10.58 -16.28 -10.78
CA ILE B 148 10.25 -15.48 -11.97
C ILE B 148 8.88 -14.90 -11.73
N SER B 149 8.60 -13.74 -12.29
CA SER B 149 7.28 -13.17 -12.22
C SER B 149 6.95 -12.50 -13.51
N PHE B 150 5.64 -12.30 -13.72
CA PHE B 150 5.10 -11.71 -14.93
C PHE B 150 3.59 -11.49 -14.75
N LEU B 151 3.12 -10.50 -15.49
CA LEU B 151 1.73 -10.19 -15.71
C LEU B 151 1.12 -11.14 -16.77
N ARG B 152 -0.19 -11.31 -16.69
CA ARG B 152 -0.99 -12.03 -17.70
C ARG B 152 -0.70 -11.48 -19.06
N SER B 153 -0.70 -10.16 -19.20
CA SER B 153 -0.39 -9.55 -20.50
C SER B 153 0.98 -9.97 -21.04
N GLU B 154 1.97 -10.09 -20.17
CA GLU B 154 3.28 -10.60 -20.54
C GLU B 154 3.24 -12.07 -20.98
N TYR B 155 2.54 -12.92 -20.24
CA TYR B 155 2.49 -14.30 -20.58
C TYR B 155 1.80 -14.47 -21.89
N GLU B 156 0.69 -13.76 -22.09
CA GLU B 156 -0.03 -13.93 -23.36
C GLU B 156 0.82 -13.51 -24.58
N LYS B 157 1.72 -12.55 -24.39
CA LYS B 157 2.62 -12.10 -25.48
C LYS B 157 3.93 -12.91 -25.60
N TYR B 158 4.55 -13.26 -24.46
CA TYR B 158 5.89 -13.84 -24.47
C TYR B 158 5.96 -15.19 -23.75
N GLU B 159 4.96 -16.02 -23.97
CA GLU B 159 4.86 -17.28 -23.26
C GLU B 159 6.09 -18.18 -23.47
N HIS B 160 6.51 -18.33 -24.72
CA HIS B 160 7.69 -19.15 -25.09
C HIS B 160 8.95 -18.64 -24.36
N ASN B 161 9.10 -17.33 -24.32
CA ASN B 161 10.22 -16.69 -23.65
C ASN B 161 10.13 -16.97 -22.15
N ILE B 162 8.94 -16.83 -21.58
CA ILE B 162 8.77 -17.04 -20.16
C ILE B 162 9.00 -18.50 -19.77
N LEU B 163 8.49 -19.42 -20.59
CA LEU B 163 8.71 -20.83 -20.31
C LEU B 163 10.18 -21.23 -20.47
N LYS B 164 10.86 -20.62 -21.44
CA LYS B 164 12.30 -20.79 -21.55
C LYS B 164 12.99 -20.33 -20.24
N LEU B 165 12.63 -19.13 -19.78
CA LEU B 165 13.22 -18.54 -18.60
C LEU B 165 13.08 -19.43 -17.36
N VAL B 166 11.97 -20.16 -17.26
CA VAL B 166 11.76 -21.09 -16.15
C VAL B 166 12.71 -22.29 -16.26
N ASN B 167 12.81 -22.83 -17.47
CA ASN B 167 13.71 -23.95 -17.77
C ASN B 167 15.18 -23.58 -17.53
N ASP B 168 15.55 -22.36 -17.89
CA ASP B 168 16.94 -21.90 -17.73
C ASP B 168 17.33 -21.53 -16.31
N LYS B 169 16.35 -21.11 -15.51
CA LYS B 169 16.61 -20.52 -14.20
C LYS B 169 16.13 -21.32 -13.02
N LEU B 170 15.05 -22.08 -13.18
CA LEU B 170 14.45 -22.76 -12.05
C LEU B 170 14.63 -24.27 -12.21
N ASN B 171 14.82 -24.96 -11.10
CA ASN B 171 14.77 -26.41 -11.09
C ASN B 171 13.34 -26.91 -10.75
N TYR B 172 12.76 -27.79 -11.55
CA TYR B 172 11.55 -28.47 -11.13
C TYR B 172 11.78 -29.25 -9.81
N PRO B 173 10.73 -29.45 -9.01
CA PRO B 173 9.41 -28.88 -9.14
C PRO B 173 9.36 -27.39 -8.75
N VAL B 174 8.41 -26.70 -9.31
CA VAL B 174 8.28 -25.29 -9.06
C VAL B 174 6.86 -25.09 -8.58
N PHE B 175 6.60 -23.94 -7.96
CA PHE B 175 5.27 -23.54 -7.56
C PHE B 175 4.86 -22.36 -8.42
N VAL B 176 3.71 -22.47 -9.06
CA VAL B 176 2.99 -21.36 -9.62
C VAL B 176 2.05 -20.85 -8.53
N LYS B 177 2.14 -19.54 -8.30
CA LYS B 177 1.42 -18.83 -7.24
C LYS B 177 0.89 -17.51 -7.79
N PRO B 178 -0.40 -17.24 -7.59
CA PRO B 178 -0.88 -15.89 -7.85
C PRO B 178 -0.18 -14.88 -6.88
N ALA B 179 0.17 -13.72 -7.38
CA ALA B 179 0.93 -12.76 -6.56
C ALA B 179 0.13 -12.24 -5.34
N ASN B 180 -1.18 -12.12 -5.52
CA ASN B 180 -2.07 -11.28 -4.68
C ASN B 180 -3.16 -12.03 -3.99
N LEU B 181 -2.96 -13.32 -3.75
CA LEU B 181 -3.77 -13.98 -2.76
C LEU B 181 -2.89 -14.09 -1.49
N GLY B 182 -3.40 -14.80 -0.49
CA GLY B 182 -2.72 -14.96 0.79
C GLY B 182 -2.29 -16.41 1.06
N SER B 183 -3.28 -17.26 1.30
CA SER B 183 -3.03 -18.69 1.49
C SER B 183 -4.09 -19.48 0.72
N SER B 184 -4.18 -19.25 -0.59
CA SER B 184 -5.36 -19.63 -1.34
C SER B 184 -5.13 -20.39 -2.67
N VAL B 185 -6.21 -20.50 -3.41
CA VAL B 185 -6.25 -21.21 -4.66
C VAL B 185 -5.36 -20.58 -5.69
N GLY B 186 -5.22 -21.23 -6.83
CA GLY B 186 -4.33 -20.76 -7.87
C GLY B 186 -2.97 -21.38 -7.75
N ILE B 187 -2.54 -21.69 -6.51
CA ILE B 187 -1.23 -22.31 -6.25
C ILE B 187 -1.19 -23.77 -6.69
N SER B 188 -0.20 -24.08 -7.51
CA SER B 188 0.08 -25.46 -7.86
C SER B 188 1.57 -25.72 -7.91
N LYS B 189 1.95 -26.86 -7.33
CA LYS B 189 3.28 -27.45 -7.49
C LYS B 189 3.32 -28.13 -8.84
N CYS B 190 4.39 -27.87 -9.59
CA CYS B 190 4.52 -28.38 -10.95
C CYS B 190 5.83 -29.13 -11.06
N ASN B 191 5.71 -30.38 -11.52
CA ASN B 191 6.84 -31.28 -11.62
C ASN B 191 7.43 -31.25 -13.03
N ASN B 192 6.77 -30.54 -13.94
CA ASN B 192 7.23 -30.44 -15.34
C ASN B 192 6.53 -29.34 -16.11
N GLU B 193 7.02 -29.08 -17.32
CA GLU B 193 6.54 -27.96 -18.13
C GLU B 193 5.04 -28.01 -18.42
N ALA B 194 4.54 -29.21 -18.65
CA ALA B 194 3.10 -29.39 -18.97
C ALA B 194 2.26 -29.11 -17.76
N GLU B 195 2.71 -29.48 -16.57
CA GLU B 195 2.01 -29.10 -15.32
C GLU B 195 2.16 -27.58 -15.05
N LEU B 196 3.31 -27.02 -15.41
CA LEU B 196 3.55 -25.58 -15.36
C LEU B 196 2.46 -24.83 -16.13
N LYS B 197 2.18 -25.29 -17.36
CA LYS B 197 1.27 -24.56 -18.22
C LYS B 197 -0.16 -24.70 -17.71
N GLU B 198 -0.52 -25.88 -17.24
CA GLU B 198 -1.80 -26.04 -16.56
C GLU B 198 -1.82 -25.07 -15.37
N GLY B 199 -0.75 -25.12 -14.60
CA GLY B 199 -0.55 -24.24 -13.44
C GLY B 199 -0.72 -22.76 -13.70
N ILE B 200 -0.04 -22.22 -14.70
CA ILE B 200 -0.18 -20.82 -15.08
C ILE B 200 -1.64 -20.53 -15.40
N LYS B 201 -2.27 -21.41 -16.21
CA LYS B 201 -3.64 -21.13 -16.69
C LYS B 201 -4.62 -21.09 -15.52
N GLU B 202 -4.53 -22.05 -14.60
CA GLU B 202 -5.45 -22.09 -13.45
C GLU B 202 -5.23 -20.85 -12.61
N ALA B 203 -3.97 -20.43 -12.45
CA ALA B 203 -3.66 -19.27 -11.60
C ALA B 203 -4.15 -17.99 -12.27
N PHE B 204 -4.09 -17.91 -13.60
CA PHE B 204 -4.54 -16.70 -14.25
C PHE B 204 -6.04 -16.47 -14.12
N GLN B 205 -6.75 -17.47 -13.62
CA GLN B 205 -8.19 -17.37 -13.41
C GLN B 205 -8.51 -16.55 -12.15
N PHE B 206 -7.57 -16.48 -11.20
CA PHE B 206 -7.79 -15.74 -9.96
C PHE B 206 -6.97 -14.48 -9.83
N ASP B 207 -6.02 -14.30 -10.72
CA ASP B 207 -5.07 -13.22 -10.59
C ASP B 207 -4.37 -12.93 -11.92
N ARG B 208 -4.07 -11.68 -12.13
CA ARG B 208 -3.41 -11.20 -13.33
C ARG B 208 -1.87 -11.09 -13.24
N LYS B 209 -1.30 -11.41 -12.06
CA LYS B 209 0.10 -11.36 -11.82
C LYS B 209 0.50 -12.62 -11.09
N LEU B 210 1.54 -13.30 -11.59
CA LEU B 210 2.03 -14.56 -11.02
C LEU B 210 3.53 -14.54 -10.66
N VAL B 211 3.87 -15.39 -9.71
CA VAL B 211 5.25 -15.73 -9.37
C VAL B 211 5.39 -17.24 -9.52
N ILE B 212 6.55 -17.62 -10.03
CA ILE B 212 6.90 -19.02 -10.20
C ILE B 212 8.11 -19.15 -9.33
N GLU B 213 8.04 -19.99 -8.29
CA GLU B 213 9.20 -20.22 -7.47
C GLU B 213 9.71 -21.63 -7.43
N GLN B 214 11.04 -21.73 -7.25
CA GLN B 214 11.71 -22.98 -7.12
C GLN B 214 11.29 -23.58 -5.81
N GLY B 215 11.01 -24.87 -5.81
CA GLY B 215 10.67 -25.56 -4.59
C GLY B 215 11.92 -25.95 -3.82
N VAL B 216 11.73 -26.29 -2.55
CA VAL B 216 12.81 -26.87 -1.79
C VAL B 216 12.36 -27.85 -0.75
N ASN B 217 13.31 -28.62 -0.27
CA ASN B 217 13.09 -29.48 0.87
C ASN B 217 13.70 -28.74 2.03
N ALA B 218 12.87 -28.24 2.93
CA ALA B 218 13.37 -27.41 4.01
C ALA B 218 12.45 -27.41 5.18
N ARG B 219 13.01 -27.09 6.33
CA ARG B 219 12.22 -26.82 7.49
C ARG B 219 11.57 -25.44 7.35
N GLU B 220 10.38 -25.32 7.91
CA GLU B 220 9.63 -24.07 8.05
C GLU B 220 10.00 -23.47 9.40
N ILE B 221 10.76 -22.38 9.37
CA ILE B 221 11.23 -21.70 10.59
C ILE B 221 10.73 -20.27 10.62
N GLU B 222 10.19 -19.84 11.76
CA GLU B 222 9.49 -18.57 11.86
C GLU B 222 10.01 -17.77 13.04
N VAL B 223 10.11 -16.47 12.85
CA VAL B 223 10.62 -15.54 13.85
C VAL B 223 9.58 -14.45 14.01
N ALA B 224 9.26 -14.11 15.27
CA ALA B 224 8.32 -13.09 15.57
C ALA B 224 9.04 -11.77 15.82
N VAL B 225 8.54 -10.69 15.28
CA VAL B 225 9.13 -9.38 15.44
C VAL B 225 8.09 -8.47 15.95
N LEU B 226 8.48 -7.59 16.88
CA LEU B 226 7.59 -6.71 17.60
C LEU B 226 8.22 -5.32 17.79
N GLY B 227 7.44 -4.26 17.54
CA GLY B 227 7.93 -2.91 17.73
C GLY B 227 7.58 -2.04 16.54
N ASN B 228 8.14 -0.83 16.52
CA ASN B 228 7.88 0.12 15.47
C ASN B 228 9.21 0.50 14.88
N ASP B 229 9.88 1.47 15.53
CA ASP B 229 11.22 1.95 15.08
C ASP B 229 12.38 1.22 15.63
N TYR B 230 12.22 0.51 16.76
CA TYR B 230 13.28 -0.31 17.34
C TYR B 230 12.72 -1.68 17.67
N PRO B 231 12.43 -2.44 16.63
CA PRO B 231 11.89 -3.73 16.82
C PRO B 231 12.83 -4.77 17.46
N GLU B 232 12.21 -5.76 18.07
CA GLU B 232 12.89 -6.95 18.58
C GLU B 232 12.33 -8.22 17.97
N ALA B 233 13.21 -9.20 17.77
CA ALA B 233 12.91 -10.49 17.10
C ALA B 233 13.06 -11.59 18.15
N THR B 234 12.15 -12.56 18.11
CA THR B 234 12.24 -13.70 19.01
C THR B 234 13.33 -14.69 18.56
N TRP B 235 13.69 -15.61 19.43
CA TRP B 235 14.32 -16.81 18.94
C TRP B 235 13.35 -17.46 17.97
N PRO B 236 13.88 -18.17 16.99
CA PRO B 236 12.99 -18.82 16.02
C PRO B 236 12.21 -20.01 16.60
N GLY B 237 11.06 -20.28 16.02
CA GLY B 237 10.32 -21.50 16.29
C GLY B 237 10.14 -22.27 14.99
N GLU B 238 9.84 -23.57 15.11
CA GLU B 238 9.65 -24.40 13.96
C GLU B 238 8.25 -24.98 13.86
N VAL B 239 7.74 -24.95 12.65
CA VAL B 239 6.43 -25.58 12.36
C VAL B 239 6.81 -26.96 11.99
N VAL B 240 6.66 -27.90 12.93
CA VAL B 240 7.09 -29.27 12.68
C VAL B 240 6.01 -30.02 11.88
N LYS B 241 6.43 -30.74 10.84
CA LYS B 241 5.54 -31.44 9.92
C LYS B 241 6.35 -32.54 9.29
N ASP B 242 5.78 -33.74 9.15
CA ASP B 242 6.51 -34.83 8.52
C ASP B 242 6.40 -34.69 6.98
N VAL B 243 5.37 -34.01 6.51
CA VAL B 243 5.10 -33.88 5.08
C VAL B 243 4.69 -32.41 4.83
N ALA B 244 5.51 -31.67 4.09
CA ALA B 244 5.17 -30.33 3.60
C ALA B 244 4.27 -30.51 2.39
N PHE B 245 3.15 -29.80 2.41
CA PHE B 245 2.14 -29.87 1.35
C PHE B 245 1.19 -28.68 1.57
N VAL B 257 -1.57 -25.87 15.62
CA VAL B 257 -0.28 -25.93 14.92
C VAL B 257 0.72 -26.70 15.78
N GLN B 258 1.48 -27.58 15.14
CA GLN B 258 2.56 -28.27 15.82
C GLN B 258 3.83 -27.43 15.76
N LEU B 259 4.21 -26.91 16.93
CA LEU B 259 5.26 -25.93 17.08
C LEU B 259 6.39 -26.53 17.89
N GLN B 260 7.62 -26.13 17.58
CA GLN B 260 8.77 -26.54 18.31
C GLN B 260 9.54 -25.24 18.56
N ILE B 261 9.56 -24.83 19.83
CA ILE B 261 10.00 -23.51 20.27
C ILE B 261 10.84 -23.74 21.52
N PRO B 262 12.13 -23.38 21.49
CA PRO B 262 12.79 -22.82 20.33
C PRO B 262 13.05 -23.90 19.28
N ALA B 263 13.24 -23.48 18.04
CA ALA B 263 13.62 -24.37 16.99
C ALA B 263 14.94 -25.04 17.38
N ASP B 264 15.09 -26.30 16.97
CA ASP B 264 16.31 -27.09 17.11
C ASP B 264 17.28 -26.71 15.99
N LEU B 265 17.94 -25.58 16.14
CA LEU B 265 18.88 -25.13 15.12
C LEU B 265 20.12 -24.76 15.85
N ASP B 266 21.26 -24.74 15.18
CA ASP B 266 22.39 -24.26 15.93
C ASP B 266 22.36 -22.74 16.14
N GLU B 267 23.18 -22.29 17.05
CA GLU B 267 23.00 -21.02 17.67
C GLU B 267 23.26 -19.89 16.66
N ASP B 268 24.31 -20.05 15.86
CA ASP B 268 24.65 -19.05 14.88
C ASP B 268 23.51 -18.96 13.86
N VAL B 269 22.88 -20.08 13.55
CA VAL B 269 21.77 -20.04 12.60
C VAL B 269 20.59 -19.27 13.20
N GLN B 270 20.27 -19.56 14.43
CA GLN B 270 19.21 -18.88 15.13
C GLN B 270 19.46 -17.37 15.13
N LEU B 271 20.68 -16.96 15.40
CA LEU B 271 20.98 -15.57 15.44
C LEU B 271 20.83 -14.92 14.08
N THR B 272 21.44 -15.52 13.04
CA THR B 272 21.27 -15.07 11.66
C THR B 272 19.78 -14.91 11.37
N LEU B 273 18.98 -15.89 11.76
CA LEU B 273 17.55 -15.80 11.51
C LEU B 273 16.91 -14.58 12.18
N ARG B 274 17.31 -14.32 13.44
CA ARG B 274 16.74 -13.20 14.16
C ARG B 274 17.06 -11.93 13.48
N ASN B 275 18.31 -11.81 13.03
CA ASN B 275 18.74 -10.56 12.36
C ASN B 275 18.07 -10.36 11.02
N MET B 276 17.96 -11.42 10.24
CA MET B 276 17.25 -11.35 9.00
C MET B 276 15.78 -11.05 9.21
N ALA B 277 15.19 -11.54 10.31
CA ALA B 277 13.80 -11.13 10.64
C ALA B 277 13.63 -9.61 10.82
N LEU B 278 14.57 -8.97 11.47
CA LEU B 278 14.51 -7.51 11.67
C LEU B 278 14.67 -6.81 10.33
N GLU B 279 15.57 -7.34 9.51
CA GLU B 279 15.79 -6.87 8.14
C GLU B 279 14.51 -6.95 7.30
N ALA B 280 13.84 -8.09 7.33
CA ALA B 280 12.55 -8.29 6.62
C ALA B 280 11.48 -7.32 7.05
N PHE B 281 11.38 -7.15 8.36
CA PHE B 281 10.51 -6.20 8.97
C PHE B 281 10.84 -4.78 8.43
N LYS B 282 12.12 -4.44 8.37
CA LYS B 282 12.50 -3.14 7.81
C LYS B 282 12.23 -3.05 6.31
N ALA B 283 12.43 -4.16 5.59
CA ALA B 283 12.47 -4.12 4.10
C ALA B 283 11.07 -3.76 3.59
N THR B 284 10.06 -4.14 4.40
CA THR B 284 8.65 -3.92 4.09
C THR B 284 8.06 -2.77 4.92
N ASP B 285 8.90 -2.09 5.69
CA ASP B 285 8.49 -1.01 6.54
C ASP B 285 7.31 -1.30 7.43
N CYS B 286 7.38 -2.44 8.10
CA CYS B 286 6.34 -2.85 9.01
C CYS B 286 6.18 -1.87 10.18
N SER B 287 5.05 -2.00 10.87
CA SER B 287 4.81 -1.40 12.14
C SER B 287 4.13 -2.44 12.99
N GLY B 288 4.39 -2.36 14.27
CA GLY B 288 3.77 -3.18 15.26
C GLY B 288 4.35 -4.57 15.29
N LEU B 289 4.28 -5.30 14.19
CA LEU B 289 4.74 -6.67 14.17
C LEU B 289 4.91 -7.22 12.81
N VAL B 290 5.76 -8.26 12.72
CA VAL B 290 5.70 -9.17 11.57
C VAL B 290 6.15 -10.56 12.01
N ARG B 291 5.66 -11.59 11.31
CA ARG B 291 6.21 -12.93 11.39
C ARG B 291 6.97 -13.11 10.09
N ALA B 292 8.27 -13.37 10.23
CA ALA B 292 9.15 -13.67 9.11
C ALA B 292 9.26 -15.19 9.03
N ASP B 293 8.92 -15.73 7.89
CA ASP B 293 8.90 -17.17 7.66
C ASP B 293 10.02 -17.54 6.69
N PHE B 294 10.86 -18.48 7.11
CA PHE B 294 12.04 -18.88 6.38
C PHE B 294 12.03 -20.36 6.02
N PHE B 295 12.84 -20.70 5.06
CA PHE B 295 13.16 -22.08 4.75
C PHE B 295 14.57 -22.28 5.21
N VAL B 296 14.78 -23.38 5.90
CA VAL B 296 16.12 -23.75 6.33
C VAL B 296 16.28 -25.19 5.95
N THR B 297 17.23 -25.42 5.05
CA THR B 297 17.51 -26.78 4.53
C THR B 297 18.30 -27.62 5.56
N GLU B 298 18.40 -28.92 5.31
CA GLU B 298 19.20 -29.80 6.18
C GLU B 298 20.60 -29.23 6.38
N ASP B 299 21.20 -28.61 5.36
CA ASP B 299 22.58 -28.03 5.43
C ASP B 299 22.63 -26.58 5.97
N ASN B 300 21.56 -26.14 6.62
CA ASN B 300 21.48 -24.77 7.14
C ASN B 300 21.56 -23.64 6.08
N GLN B 301 21.16 -23.91 4.83
CA GLN B 301 20.95 -22.80 3.91
C GLN B 301 19.62 -22.11 4.25
N ILE B 302 19.69 -20.80 4.42
CA ILE B 302 18.52 -20.00 4.78
C ILE B 302 18.00 -19.24 3.57
N TYR B 303 16.71 -19.39 3.30
CA TYR B 303 16.00 -18.45 2.41
C TYR B 303 14.84 -17.89 3.16
N ILE B 304 14.59 -16.60 2.96
CA ILE B 304 13.33 -16.03 3.45
C ILE B 304 12.26 -16.40 2.47
N ASN B 305 11.16 -16.91 3.04
CA ASN B 305 10.01 -17.28 2.27
C ASN B 305 9.03 -16.14 2.18
N GLU B 306 8.51 -15.70 3.33
CA GLU B 306 7.64 -14.56 3.31
C GLU B 306 7.52 -13.94 4.65
N THR B 307 7.11 -12.68 4.68
CA THR B 307 6.69 -12.08 5.94
C THR B 307 5.19 -12.19 6.00
N ASN B 308 4.65 -12.22 7.20
CA ASN B 308 3.19 -12.29 7.38
C ASN B 308 2.80 -11.15 8.36
N ALA B 309 2.16 -10.15 7.82
CA ALA B 309 1.79 -8.93 8.56
C ALA B 309 0.61 -9.24 9.49
N MET B 310 -0.15 -10.30 9.19
CA MET B 310 -1.27 -10.71 10.08
C MET B 310 -1.28 -12.21 10.43
N PRO B 311 -0.32 -12.59 11.24
CA PRO B 311 -0.08 -13.92 11.60
C PRO B 311 -1.16 -14.45 12.55
N GLY B 312 -1.21 -15.78 12.61
CA GLY B 312 -2.12 -16.48 13.51
C GLY B 312 -1.81 -15.85 14.84
N PHE B 313 -2.85 -15.56 15.58
CA PHE B 313 -2.69 -14.74 16.78
C PHE B 313 -3.50 -15.25 17.96
N THR B 314 -3.91 -16.49 17.86
CA THR B 314 -4.50 -17.20 18.97
C THR B 314 -3.43 -17.44 20.02
N ALA B 315 -3.87 -17.83 21.18
CA ALA B 315 -2.99 -18.02 22.32
C ALA B 315 -1.98 -19.17 22.04
N PHE B 316 -2.38 -20.12 21.20
CA PHE B 316 -1.56 -21.21 20.81
C PHE B 316 -0.88 -21.04 19.44
N SER B 317 -0.95 -19.84 18.85
CA SER B 317 -0.36 -19.62 17.55
C SER B 317 1.12 -19.34 17.69
N MET B 318 1.81 -19.55 16.58
CA MET B 318 3.26 -19.36 16.57
C MET B 318 3.72 -18.02 17.05
N TYR B 319 3.13 -16.92 16.54
CA TYR B 319 3.63 -15.57 16.82
C TYR B 319 3.57 -15.35 18.34
N PRO B 320 2.38 -15.54 18.96
CA PRO B 320 2.34 -15.37 20.41
C PRO B 320 3.22 -16.28 21.27
N LYS B 321 3.30 -17.56 20.90
CA LYS B 321 4.16 -18.49 21.60
C LYS B 321 5.64 -18.18 21.42
N LEU B 322 6.06 -17.69 20.27
CA LEU B 322 7.45 -17.21 20.16
C LEU B 322 7.79 -16.12 21.20
N TRP B 323 6.83 -15.22 21.48
CA TRP B 323 7.01 -14.19 22.49
C TRP B 323 6.95 -14.74 23.90
N GLU B 324 6.08 -15.72 24.12
CA GLU B 324 6.00 -16.32 25.44
C GLU B 324 7.36 -16.87 25.80
N ASN B 325 8.04 -17.51 24.84
CA ASN B 325 9.34 -18.10 25.07
C ASN B 325 10.39 -17.06 25.50
N MET B 326 10.27 -15.82 25.04
CA MET B 326 11.11 -14.70 25.50
C MET B 326 10.65 -14.12 26.84
N GLY B 327 9.51 -14.59 27.36
CA GLY B 327 9.00 -14.13 28.66
C GLY B 327 8.03 -12.98 28.50
N LEU B 328 7.51 -12.82 27.30
CA LEU B 328 6.45 -11.89 27.10
C LEU B 328 5.20 -12.68 26.94
N SER B 329 4.39 -12.68 27.99
CA SER B 329 3.14 -13.40 27.98
C SER B 329 2.15 -12.79 27.01
N TYR B 330 1.10 -13.53 26.71
CA TYR B 330 0.08 -13.13 25.75
C TYR B 330 -0.68 -11.88 26.16
N PRO B 331 -1.16 -11.81 27.41
CA PRO B 331 -1.65 -10.49 27.78
C PRO B 331 -0.65 -9.35 27.61
N GLU B 332 0.61 -9.57 27.95
CA GLU B 332 1.59 -8.48 27.82
C GLU B 332 1.86 -8.14 26.36
N LEU B 333 1.91 -9.16 25.51
CA LEU B 333 2.05 -8.94 24.06
C LEU B 333 0.89 -8.05 23.51
N ILE B 334 -0.33 -8.29 23.97
CA ILE B 334 -1.49 -7.55 23.55
C ILE B 334 -1.37 -6.11 24.02
N THR B 335 -1.04 -5.93 25.28
CA THR B 335 -0.69 -4.58 25.78
C THR B 335 0.43 -3.86 25.07
N LYS B 336 1.50 -4.58 24.77
CA LYS B 336 2.61 -4.01 24.02
C LYS B 336 2.18 -3.57 22.64
N LEU B 337 1.36 -4.35 21.98
CA LEU B 337 0.88 -3.94 20.65
C LEU B 337 -0.05 -2.69 20.69
N ILE B 338 -0.92 -2.60 21.70
CA ILE B 338 -1.71 -1.39 21.97
C ILE B 338 -0.82 -0.17 22.13
N GLU B 339 0.21 -0.31 22.94
CA GLU B 339 1.15 0.78 23.23
C GLU B 339 1.84 1.24 21.93
N LEU B 340 2.35 0.28 21.19
CA LEU B 340 2.94 0.55 19.90
C LEU B 340 1.96 1.30 19.03
N ALA B 341 0.70 0.84 19.04
CA ALA B 341 -0.33 1.46 18.20
C ALA B 341 -0.47 2.93 18.57
N LYS B 342 -0.55 3.22 19.88
CA LYS B 342 -0.65 4.63 20.35
C LYS B 342 0.61 5.40 19.98
N GLU B 343 1.75 4.79 20.14
CA GLU B 343 2.96 5.52 19.83
C GLU B 343 3.00 5.96 18.40
N ARG B 344 2.69 5.01 17.53
CA ARG B 344 2.72 5.26 16.12
C ARG B 344 1.72 6.33 15.72
N HIS B 345 0.51 6.31 16.31
CA HIS B 345 -0.51 7.30 16.00
C HIS B 345 -0.07 8.66 16.51
N GLN B 346 0.42 8.69 17.74
CA GLN B 346 0.90 9.93 18.37
C GLN B 346 2.02 10.51 17.50
N ASP B 347 2.95 9.65 17.10
CA ASP B 347 4.08 10.07 16.31
C ASP B 347 3.68 10.63 14.97
N LYS B 348 2.79 9.97 14.25
CA LYS B 348 2.30 10.50 12.99
C LYS B 348 1.64 11.88 13.21
N GLN B 349 0.88 12.04 14.28
CA GLN B 349 0.19 13.32 14.49
C GLN B 349 1.19 14.39 14.83
N LYS B 350 2.21 14.06 15.63
CA LYS B 350 3.22 15.07 16.06
C LYS B 350 4.02 15.56 14.87
N ASN B 351 4.28 14.64 13.96
CA ASN B 351 4.94 14.97 12.71
C ASN B 351 4.10 15.84 11.77
N LYS B 352 2.79 15.58 11.74
CA LYS B 352 1.84 16.44 11.03
C LYS B 352 1.96 17.85 11.59
N TYR B 353 2.06 17.96 12.91
CA TYR B 353 2.20 19.26 13.54
C TYR B 353 3.52 19.94 13.15
N LYS B 354 4.61 19.18 13.15
CA LYS B 354 5.93 19.72 12.76
C LYS B 354 5.92 20.23 11.33
N ILE B 355 5.26 19.49 10.45
CA ILE B 355 5.21 19.86 9.04
C ILE B 355 4.35 21.10 8.83
N ASP B 356 3.11 21.05 9.34
CA ASP B 356 2.19 22.20 9.36
C ASP B 356 2.88 23.48 9.80
N ARG B 357 3.65 23.34 10.87
CA ARG B 357 4.32 24.45 11.48
C ARG B 357 5.38 25.00 10.53
N SER B 358 6.17 24.12 9.91
CA SER B 358 7.15 24.57 8.91
C SER B 358 6.44 25.27 7.75
N HIS B 359 5.36 24.66 7.23
CA HIS B 359 4.48 25.32 6.24
C HIS B 359 4.15 26.73 6.68
N HIS B 360 3.76 26.86 7.95
CA HIS B 360 3.48 28.18 8.48
C HIS B 360 4.75 28.97 8.75
F23 G1L C . -7.31 9.34 -12.10
F23 G1L C . -7.87 10.31 -12.14
C20 G1L C . -7.54 9.73 -10.86
C20 G1L C . -7.63 9.99 -10.89
F21 G1L C . -8.85 9.98 -10.76
F21 G1L C . -8.81 9.91 -10.28
F22 G1L C . -7.14 8.85 -9.94
F22 G1L C . -7.06 8.82 -10.80
C3 G1L C . -6.81 10.99 -10.53
C3 G1L C . -6.90 11.14 -10.26
C2 G1L C . -7.03 11.47 -9.26
C2 G1L C . -6.73 11.18 -8.88
C1 G1L C . -6.41 12.60 -8.82
C1 G1L C . -6.09 12.26 -8.28
C4 G1L C . -5.94 11.69 -11.38
C4 G1L C . -6.46 12.23 -11.03
C5 G1L C . -5.32 12.87 -10.93
C5 G1L C . -5.82 13.29 -10.41
C6 G1L C . -5.56 13.34 -9.63
C6 G1L C . -5.62 13.32 -9.04
N11 G1L C . -5.00 14.49 -9.16
N11 G1L C . -5.03 14.45 -8.55
C12 G1L C . -5.20 15.02 -7.94
C12 G1L C . -4.76 14.71 -7.26
O18 G1L C . -5.92 14.53 -7.07
O18 G1L C . -5.06 13.98 -6.33
C13 G1L C . -4.44 16.28 -7.60
C13 G1L C . -4.08 16.02 -6.94
C14 G1L C . -3.77 16.89 -8.83
C14 G1L C . -2.99 15.91 -5.88
C15 G1L C . -5.34 17.35 -6.97
C15 G1L C . -3.53 16.64 -8.23
C16 G1L C . -3.42 15.90 -6.55
C16 G1L C . -5.15 16.95 -6.40
CL17 G1L C . -3.94 14.85 -5.22
CL17 G1L C . -6.53 17.34 -7.45
F23 G1L D . -1.72 -7.30 15.85
C20 G1L D . -2.42 -7.07 14.78
F21 G1L D . -3.51 -6.48 15.24
F22 G1L D . -1.79 -6.24 14.04
C3 G1L D . -2.85 -8.36 14.15
C2 G1L D . -4.04 -8.39 13.47
C1 G1L D . -4.49 -9.59 12.95
C4 G1L D . -2.14 -9.53 14.34
C5 G1L D . -2.59 -10.70 13.81
C6 G1L D . -3.76 -10.75 13.08
N11 G1L D . -4.15 -11.95 12.61
C12 G1L D . -5.29 -12.16 12.00
O18 G1L D . -6.03 -11.22 11.80
C13 G1L D . -5.73 -13.50 11.42
C14 G1L D . -4.84 -14.75 11.60
C15 G1L D . -7.16 -13.72 11.99
C16 G1L D . -5.74 -13.21 9.95
CL17 G1L D . -6.20 -11.57 9.53
#